data_4ZZX
#
_entry.id   4ZZX
#
_cell.length_a   72.460
_cell.length_b   72.740
_cell.length_c   141.340
_cell.angle_alpha   90.00
_cell.angle_beta   90.00
_cell.angle_gamma   90.00
#
_symmetry.space_group_name_H-M   'P 21 21 21'
#
loop_
_entity.id
_entity.type
_entity.pdbx_description
1 polymer 'POLY [ADP-RIBOSE] POLYMERASE 2'
2 non-polymer 2-(3-methoxypropyl)-3-oxo-2,3-dihydro-1H-isoindole-4-carboxamide
3 water water
#
_entity_poly.entity_id   1
_entity_poly.type   'polypeptide(L)'
_entity_poly.pdbx_seq_one_letter_code
;GPSLKSPLKPESQLDLRVQELIKLICNVQAMEEMMMEMKYNTKKAPLGKLTVAQIKAGYQSLKKIEDCIRAGQHGRALME
ACNEFYTRIPHDFGLRTPPLIRTQKELSEKIQLLEALGDIEIAIKLVKTELQSPEHPLDQHYRNLHCALRPLDHESYEFK
VISQYLQSTHAPTHSDYTMTLLDLFEVEKDGEKEAFREDLHNRMLLWHGSRMSNWVGILSHGLRIAPPEAPITGYMFGKG
IYFADMSSKSANYCFASRLKNTGLLLLSEVALGQCNELLEANPKAEGLLQGKHSTKGLGKMAPSSAHFVTLNGSTVPLGP
ASDTGILNPDGYTLNYNEYIVYNPNQVRMRYLLKVQFNFLQLW
;
_entity_poly.pdbx_strand_id   A,B
#
# COMPACT_ATOMS: atom_id res chain seq x y z
N GLU A 11 22.97 25.48 -27.63
CA GLU A 11 22.00 25.03 -28.68
C GLU A 11 22.61 24.98 -30.07
N SER A 12 22.22 23.94 -30.81
CA SER A 12 22.71 23.72 -32.16
C SER A 12 22.20 24.76 -33.15
N GLN A 13 23.05 25.15 -34.07
CA GLN A 13 22.65 26.08 -35.14
C GLN A 13 22.29 25.34 -36.41
N LEU A 14 22.27 24.00 -36.34
CA LEU A 14 22.00 23.20 -37.53
C LEU A 14 20.51 23.03 -37.74
N ASP A 15 20.11 22.84 -38.99
CA ASP A 15 18.75 22.40 -39.30
C ASP A 15 18.49 21.09 -38.54
N LEU A 16 17.27 20.94 -38.00
CA LEU A 16 16.94 19.77 -37.17
C LEU A 16 17.17 18.44 -37.91
N ARG A 17 16.92 18.43 -39.22
CA ARG A 17 17.12 17.22 -40.04
C ARG A 17 18.61 16.81 -40.02
N VAL A 18 19.49 17.81 -40.09
CA VAL A 18 20.93 17.59 -40.05
C VAL A 18 21.32 17.17 -38.61
N GLN A 19 20.76 17.83 -37.61
CA GLN A 19 20.99 17.44 -36.21
C GLN A 19 20.72 15.95 -36.00
N GLU A 20 19.56 15.48 -36.47
CA GLU A 20 19.19 14.07 -36.25
C GLU A 20 20.12 13.14 -37.03
N LEU A 21 20.52 13.57 -38.23
CA LEU A 21 21.48 12.77 -39.02
C LEU A 21 22.84 12.63 -38.31
N ILE A 22 23.38 13.76 -37.86
CA ILE A 22 24.68 13.80 -37.19
C ILE A 22 24.63 12.99 -35.88
N LYS A 23 23.54 13.14 -35.12
CA LYS A 23 23.39 12.42 -33.85
C LYS A 23 23.41 10.92 -34.11
N LEU A 24 22.78 10.50 -35.21
CA LEU A 24 22.69 9.09 -35.57
C LEU A 24 24.05 8.51 -35.97
N ILE A 25 24.76 9.17 -36.87
CA ILE A 25 25.99 8.58 -37.42
C ILE A 25 27.19 8.74 -36.50
N CYS A 26 27.15 9.72 -35.60
CA CYS A 26 28.30 9.97 -34.72
C CYS A 26 28.20 9.27 -33.35
N ASN A 27 27.18 8.42 -33.20
CA ASN A 27 26.88 7.71 -31.93
C ASN A 27 27.88 6.55 -31.71
N VAL A 28 28.85 6.77 -30.81
CA VAL A 28 29.86 5.76 -30.52
C VAL A 28 29.30 4.46 -29.92
N GLN A 29 28.31 4.58 -29.03
CA GLN A 29 27.69 3.40 -28.47
C GLN A 29 27.02 2.54 -29.55
N ALA A 30 26.37 3.18 -30.53
CA ALA A 30 25.80 2.43 -31.66
C ALA A 30 26.87 1.66 -32.43
N MET A 31 28.05 2.28 -32.61
CA MET A 31 29.18 1.61 -33.24
C MET A 31 29.60 0.39 -32.42
N GLU A 32 29.68 0.56 -31.11
CA GLU A 32 30.05 -0.54 -30.22
C GLU A 32 29.05 -1.69 -30.36
N GLU A 33 27.76 -1.35 -30.36
CA GLU A 33 26.73 -2.36 -30.46
C GLU A 33 26.79 -3.06 -31.83
N MET A 34 27.10 -2.31 -32.89
CA MET A 34 27.22 -2.91 -34.21
C MET A 34 28.39 -3.87 -34.29
N MET A 35 29.50 -3.51 -33.67
CA MET A 35 30.66 -4.40 -33.65
C MET A 35 30.38 -5.63 -32.79
N MET A 36 29.66 -5.45 -31.68
CA MET A 36 29.29 -6.60 -30.85
C MET A 36 28.38 -7.57 -31.60
N GLU A 37 27.49 -7.03 -32.43
CA GLU A 37 26.62 -7.87 -33.24
C GLU A 37 27.42 -8.70 -34.26
N MET A 38 28.56 -8.14 -34.72
CA MET A 38 29.49 -8.83 -35.65
C MET A 38 30.49 -9.76 -34.94
N LYS A 39 30.34 -9.88 -33.62
CA LYS A 39 31.13 -10.77 -32.75
C LYS A 39 32.49 -10.20 -32.33
N TYR A 40 32.77 -8.96 -32.72
CA TYR A 40 33.98 -8.30 -32.24
C TYR A 40 33.88 -8.02 -30.74
N ASN A 41 34.98 -8.28 -30.01
CA ASN A 41 35.01 -8.18 -28.57
C ASN A 41 35.40 -6.78 -28.13
N THR A 42 34.38 -5.93 -28.01
CA THR A 42 34.59 -4.54 -27.61
C THR A 42 35.09 -4.40 -26.17
N LYS A 43 34.79 -5.39 -25.33
CA LYS A 43 35.16 -5.37 -23.91
C LYS A 43 36.67 -5.46 -23.75
N LYS A 44 37.23 -6.46 -24.41
CA LYS A 44 38.64 -6.78 -24.28
C LYS A 44 39.51 -5.90 -25.18
N ALA A 45 38.98 -5.51 -26.34
CA ALA A 45 39.69 -4.64 -27.29
C ALA A 45 38.87 -3.38 -27.62
N PRO A 46 38.94 -2.39 -26.71
CA PRO A 46 38.11 -1.20 -26.88
C PRO A 46 38.34 -0.53 -28.21
N LEU A 47 37.25 -0.10 -28.83
CA LEU A 47 37.35 0.61 -30.11
C LEU A 47 38.28 1.82 -30.06
N GLY A 48 38.31 2.53 -28.94
CA GLY A 48 39.18 3.70 -28.82
C GLY A 48 40.66 3.39 -28.86
N LYS A 49 41.02 2.13 -28.64
CA LYS A 49 42.44 1.75 -28.57
C LYS A 49 42.90 0.99 -29.80
N LEU A 50 41.96 0.70 -30.70
CA LEU A 50 42.32 -0.03 -31.91
C LEU A 50 43.08 0.89 -32.87
N THR A 51 44.08 0.32 -33.55
CA THR A 51 45.00 1.14 -34.34
C THR A 51 44.97 0.72 -35.81
N VAL A 52 45.39 1.61 -36.70
CA VAL A 52 45.49 1.24 -38.11
C VAL A 52 46.46 0.08 -38.33
N ALA A 53 47.54 0.00 -37.54
CA ALA A 53 48.49 -1.13 -37.65
C ALA A 53 47.83 -2.47 -37.32
N GLN A 54 46.98 -2.46 -36.30
CA GLN A 54 46.29 -3.66 -35.88
C GLN A 54 45.33 -4.11 -36.97
N ILE A 55 44.65 -3.15 -37.60
CA ILE A 55 43.70 -3.46 -38.69
C ILE A 55 44.43 -4.05 -39.91
N LYS A 56 45.53 -3.41 -40.28
CA LYS A 56 46.38 -3.90 -41.38
C LYS A 56 46.83 -5.35 -41.14
N ALA A 57 47.33 -5.64 -39.93
CA ALA A 57 47.64 -7.02 -39.54
C ALA A 57 46.45 -7.99 -39.62
N GLY A 58 45.24 -7.48 -39.33
CA GLY A 58 44.02 -8.26 -39.47
C GLY A 58 43.85 -8.69 -40.92
N TYR A 59 43.99 -7.76 -41.85
CA TYR A 59 43.89 -8.08 -43.29
C TYR A 59 44.93 -9.11 -43.72
N GLN A 60 46.15 -8.93 -43.26
CA GLN A 60 47.19 -9.91 -43.55
C GLN A 60 46.84 -11.33 -43.08
N SER A 61 46.23 -11.46 -41.91
CA SER A 61 45.82 -12.78 -41.43
C SER A 61 44.65 -13.34 -42.24
N LEU A 62 43.82 -12.47 -42.80
CA LEU A 62 42.77 -12.94 -43.71
C LEU A 62 43.33 -13.55 -45.00
N LYS A 63 44.49 -13.07 -45.43
CA LYS A 63 45.20 -13.62 -46.60
C LYS A 63 45.54 -15.09 -46.39
N LYS A 64 45.97 -15.44 -45.17
CA LYS A 64 46.32 -16.81 -44.87
C LYS A 64 45.06 -17.70 -44.85
N ILE A 65 43.94 -17.14 -44.39
CA ILE A 65 42.67 -17.86 -44.41
C ILE A 65 42.26 -18.06 -45.87
N GLU A 66 42.39 -16.98 -46.64
CA GLU A 66 42.07 -17.01 -48.09
C GLU A 66 42.87 -18.11 -48.79
N ASP A 67 44.17 -18.21 -48.48
CA ASP A 67 45.01 -19.28 -49.01
C ASP A 67 44.40 -20.67 -48.73
N CYS A 68 43.91 -20.90 -47.52
CA CYS A 68 43.28 -22.18 -47.18
C CYS A 68 42.00 -22.41 -47.98
N ILE A 69 41.17 -21.36 -48.08
CA ILE A 69 39.90 -21.49 -48.77
C ILE A 69 40.12 -21.81 -50.27
N ARG A 70 41.06 -21.12 -50.89
CA ARG A 70 41.34 -21.29 -52.32
C ARG A 70 41.97 -22.65 -52.63
N ALA A 71 42.47 -23.33 -51.59
CA ALA A 71 43.01 -24.71 -51.71
C ALA A 71 42.05 -25.78 -51.13
N GLY A 72 40.89 -25.34 -50.66
CA GLY A 72 39.89 -26.22 -50.08
C GLY A 72 40.41 -26.97 -48.87
N GLN A 73 41.25 -26.31 -48.09
CA GLN A 73 41.78 -26.90 -46.89
C GLN A 73 40.96 -26.42 -45.70
N HIS A 74 40.17 -27.32 -45.11
CA HIS A 74 39.20 -26.94 -44.08
C HIS A 74 39.46 -27.56 -42.74
N GLY A 75 40.63 -28.18 -42.58
CA GLY A 75 40.97 -28.85 -41.33
C GLY A 75 41.83 -28.00 -40.41
N ARG A 76 42.82 -28.64 -39.80
CA ARG A 76 43.71 -27.99 -38.85
C ARG A 76 44.43 -26.74 -39.39
N ALA A 77 44.84 -26.73 -40.65
CA ALA A 77 45.46 -25.54 -41.22
C ALA A 77 44.50 -24.34 -41.19
N LEU A 78 43.23 -24.59 -41.49
CA LEU A 78 42.24 -23.51 -41.46
C LEU A 78 41.96 -23.08 -40.04
N MET A 79 41.81 -24.06 -39.15
CA MET A 79 41.61 -23.76 -37.73
C MET A 79 42.72 -22.85 -37.20
N GLU A 80 43.97 -23.19 -37.52
CA GLU A 80 45.09 -22.37 -37.07
C GLU A 80 45.09 -20.96 -37.67
N ALA A 81 44.85 -20.86 -38.97
CA ALA A 81 44.75 -19.55 -39.64
C ALA A 81 43.62 -18.70 -39.06
N CYS A 82 42.48 -19.32 -38.77
CA CYS A 82 41.35 -18.55 -38.17
C CYS A 82 41.71 -18.13 -36.75
N ASN A 83 42.35 -19.01 -36.00
CA ASN A 83 42.78 -18.64 -34.63
C ASN A 83 43.76 -17.47 -34.61
N GLU A 84 44.65 -17.41 -35.59
CA GLU A 84 45.56 -16.28 -35.73
C GLU A 84 44.78 -14.98 -35.95
N PHE A 85 43.83 -15.00 -36.88
CA PHE A 85 42.98 -13.83 -37.11
C PHE A 85 42.23 -13.42 -35.84
N TYR A 86 41.70 -14.39 -35.11
CA TYR A 86 40.92 -14.10 -33.93
C TYR A 86 41.79 -13.56 -32.81
N THR A 87 43.07 -13.87 -32.85
CA THR A 87 44.00 -13.34 -31.84
C THR A 87 44.30 -11.86 -32.13
N ARG A 88 44.49 -11.52 -33.40
CA ARG A 88 44.76 -10.14 -33.82
C ARG A 88 43.53 -9.26 -33.70
N ILE A 89 42.38 -9.82 -34.00
CA ILE A 89 41.14 -9.05 -34.01
C ILE A 89 40.18 -9.78 -33.07
N PRO A 90 40.22 -9.44 -31.77
CA PRO A 90 39.52 -10.25 -30.78
C PRO A 90 38.03 -10.39 -31.03
N HIS A 91 37.54 -11.63 -30.99
CA HIS A 91 36.12 -11.93 -31.12
C HIS A 91 35.60 -12.45 -29.83
N ASP A 92 34.28 -12.40 -29.66
CA ASP A 92 33.67 -12.93 -28.47
C ASP A 92 32.74 -14.06 -28.86
N PHE A 93 33.19 -15.29 -28.63
CA PHE A 93 32.41 -16.45 -29.02
C PHE A 93 31.81 -17.17 -27.83
N GLY A 94 31.85 -16.53 -26.66
CA GLY A 94 31.35 -17.14 -25.43
C GLY A 94 32.07 -18.44 -25.11
N LEU A 95 31.29 -19.50 -24.89
CA LEU A 95 31.85 -20.81 -24.54
C LEU A 95 32.07 -21.71 -25.76
N ARG A 96 31.54 -21.29 -26.90
CA ARG A 96 31.58 -22.09 -28.13
C ARG A 96 32.98 -22.14 -28.75
N THR A 97 33.27 -23.24 -29.44
CA THR A 97 34.45 -23.34 -30.29
C THR A 97 34.32 -22.24 -31.35
N PRO A 98 35.40 -21.46 -31.58
CA PRO A 98 35.35 -20.42 -32.61
C PRO A 98 35.01 -21.00 -33.98
N PRO A 99 34.04 -20.40 -34.69
CA PRO A 99 33.67 -20.88 -36.02
C PRO A 99 34.78 -20.67 -37.04
N LEU A 100 34.89 -21.58 -38.00
CA LEU A 100 35.87 -21.44 -39.07
C LEU A 100 35.36 -20.55 -40.19
N ILE A 101 36.28 -19.92 -40.88
CA ILE A 101 35.96 -19.04 -41.99
C ILE A 101 36.25 -19.86 -43.24
N ARG A 102 35.18 -20.43 -43.82
CA ARG A 102 35.30 -21.48 -44.84
C ARG A 102 34.94 -21.13 -46.28
N THR A 103 34.15 -20.07 -46.45
CA THR A 103 33.61 -19.72 -47.76
C THR A 103 34.01 -18.29 -48.17
N GLN A 104 33.97 -18.00 -49.47
CA GLN A 104 34.18 -16.63 -49.95
C GLN A 104 33.22 -15.64 -49.24
N LYS A 105 32.00 -16.09 -48.96
CA LYS A 105 30.99 -15.27 -48.28
C LYS A 105 31.42 -14.93 -46.85
N GLU A 106 31.88 -15.94 -46.12
CA GLU A 106 32.38 -15.75 -44.77
C GLU A 106 33.63 -14.88 -44.73
N LEU A 107 34.52 -15.08 -45.70
CA LEU A 107 35.69 -14.22 -45.85
C LEU A 107 35.28 -12.76 -46.14
N SER A 108 34.22 -12.59 -46.93
CA SER A 108 33.72 -11.24 -47.21
C SER A 108 33.19 -10.57 -45.96
N GLU A 109 32.52 -11.33 -45.09
CA GLU A 109 32.00 -10.78 -43.84
C GLU A 109 33.15 -10.26 -42.99
N LYS A 110 34.27 -10.97 -43.00
CA LYS A 110 35.42 -10.52 -42.19
C LYS A 110 36.08 -9.29 -42.78
N ILE A 111 36.15 -9.21 -44.11
CA ILE A 111 36.59 -7.98 -44.74
C ILE A 111 35.69 -6.81 -44.34
N GLN A 112 34.38 -7.03 -44.39
CA GLN A 112 33.41 -6.02 -43.94
C GLN A 112 33.64 -5.56 -42.53
N LEU A 113 33.97 -6.49 -41.63
CA LEU A 113 34.34 -6.15 -40.24
C LEU A 113 35.56 -5.23 -40.19
N LEU A 114 36.62 -5.60 -40.91
CA LEU A 114 37.80 -4.76 -40.91
C LEU A 114 37.55 -3.39 -41.52
N GLU A 115 36.70 -3.33 -42.55
CA GLU A 115 36.34 -2.04 -43.14
C GLU A 115 35.60 -1.18 -42.11
N ALA A 116 34.66 -1.80 -41.39
CA ALA A 116 33.92 -1.12 -40.31
C ALA A 116 34.86 -0.64 -39.21
N LEU A 117 35.75 -1.53 -38.78
CA LEU A 117 36.74 -1.11 -37.76
C LEU A 117 37.57 0.09 -38.21
N GLY A 118 37.98 0.12 -39.48
CA GLY A 118 38.76 1.26 -39.98
C GLY A 118 37.96 2.55 -39.99
N ASP A 119 36.67 2.43 -40.32
CA ASP A 119 35.79 3.60 -40.31
C ASP A 119 35.50 4.09 -38.89
N ILE A 120 35.42 3.16 -37.95
CA ILE A 120 35.23 3.52 -36.54
C ILE A 120 36.48 4.17 -35.96
N GLU A 121 37.65 3.66 -36.34
CA GLU A 121 38.92 4.31 -35.92
C GLU A 121 38.91 5.79 -36.33
N ILE A 122 38.46 6.06 -37.56
CA ILE A 122 38.36 7.43 -38.07
C ILE A 122 37.32 8.21 -37.26
N ALA A 123 36.15 7.59 -37.06
CA ALA A 123 35.05 8.24 -36.34
C ALA A 123 35.41 8.64 -34.91
N ILE A 124 36.10 7.76 -34.20
CA ILE A 124 36.43 8.05 -32.79
C ILE A 124 37.35 9.27 -32.70
N LYS A 125 38.27 9.43 -33.66
CA LYS A 125 39.12 10.64 -33.67
C LYS A 125 38.29 11.88 -34.01
N LEU A 126 37.36 11.72 -34.95
CA LEU A 126 36.60 12.83 -35.46
C LEU A 126 35.62 13.42 -34.43
N VAL A 127 35.05 12.57 -33.57
CA VAL A 127 34.00 13.02 -32.65
C VAL A 127 34.57 13.74 -31.43
N LYS A 128 35.90 13.77 -31.30
CA LYS A 128 36.49 14.46 -30.17
C LYS A 128 36.18 15.94 -30.27
N THR A 129 35.65 16.50 -29.19
CA THR A 129 35.21 17.89 -29.17
C THR A 129 36.29 18.77 -28.57
N GLU A 130 36.14 20.08 -28.74
CA GLU A 130 37.10 21.03 -28.18
C GLU A 130 36.87 21.11 -26.69
N LEU A 131 37.94 21.32 -25.95
CA LEU A 131 37.87 21.40 -24.49
C LEU A 131 36.93 22.52 -24.03
N GLN A 132 37.10 23.69 -24.62
CA GLN A 132 36.20 24.84 -24.42
C GLN A 132 35.69 25.29 -25.78
N SER A 133 34.37 25.45 -25.92
CA SER A 133 33.83 25.87 -27.23
C SER A 133 32.47 26.54 -27.11
N PRO A 134 32.22 27.56 -27.96
CA PRO A 134 30.88 28.14 -28.05
C PRO A 134 29.87 27.25 -28.81
N GLU A 135 30.34 26.24 -29.54
CA GLU A 135 29.48 25.38 -30.38
C GLU A 135 28.97 24.11 -29.69
N HIS A 136 27.69 23.80 -29.92
CA HIS A 136 27.07 22.54 -29.55
C HIS A 136 27.90 21.42 -30.13
N PRO A 137 28.01 20.29 -29.40
CA PRO A 137 28.69 19.09 -29.93
C PRO A 137 28.28 18.67 -31.34
N LEU A 138 26.97 18.66 -31.64
CA LEU A 138 26.47 18.26 -32.97
C LEU A 138 27.12 19.14 -34.04
N ASP A 139 27.24 20.43 -33.74
CA ASP A 139 27.84 21.36 -34.68
C ASP A 139 29.33 21.13 -34.88
N GLN A 140 30.05 20.74 -33.83
CA GLN A 140 31.45 20.41 -33.97
C GLN A 140 31.67 19.16 -34.82
N HIS A 141 30.86 18.14 -34.56
CA HIS A 141 30.93 16.90 -35.34
C HIS A 141 30.69 17.20 -36.79
N TYR A 142 29.64 17.98 -37.06
CA TYR A 142 29.31 18.34 -38.44
C TYR A 142 30.49 19.05 -39.12
N ARG A 143 31.06 20.06 -38.48
CA ARG A 143 32.20 20.78 -39.07
C ARG A 143 33.37 19.86 -39.37
N ASN A 144 33.64 18.93 -38.45
CA ASN A 144 34.77 18.02 -38.55
C ASN A 144 34.68 17.04 -39.72
N LEU A 145 33.48 16.85 -40.26
CA LEU A 145 33.29 16.04 -41.47
C LEU A 145 33.88 16.64 -42.74
N HIS A 146 33.96 17.97 -42.80
CA HIS A 146 34.39 18.68 -44.01
C HIS A 146 33.58 18.17 -45.19
N CYS A 147 32.28 18.14 -44.96
CA CYS A 147 31.34 17.62 -45.94
C CYS A 147 29.99 18.26 -45.66
N ALA A 148 29.58 19.15 -46.57
CA ALA A 148 28.30 19.84 -46.46
C ALA A 148 27.15 18.86 -46.68
N LEU A 149 26.13 18.99 -45.84
CA LEU A 149 24.90 18.18 -45.90
C LEU A 149 23.72 19.11 -45.82
N ARG A 150 23.03 19.28 -46.95
CA ARG A 150 21.97 20.28 -47.06
C ARG A 150 20.64 19.58 -47.25
N PRO A 151 19.72 19.71 -46.27
CA PRO A 151 18.50 18.92 -46.40
C PRO A 151 17.59 19.47 -47.50
N LEU A 152 16.91 18.55 -48.17
CA LEU A 152 15.99 18.90 -49.24
C LEU A 152 14.56 18.71 -48.77
N ASP A 153 13.67 19.61 -49.17
CA ASP A 153 12.28 19.48 -48.73
C ASP A 153 11.60 18.32 -49.47
N HIS A 154 10.68 17.66 -48.78
CA HIS A 154 9.95 16.54 -49.38
C HIS A 154 9.08 16.92 -50.55
N GLU A 155 8.67 18.18 -50.62
CA GLU A 155 7.89 18.70 -51.76
C GLU A 155 8.73 18.92 -53.00
N SER A 156 10.06 18.88 -52.84
CA SER A 156 10.95 19.32 -53.91
C SER A 156 11.02 18.33 -55.07
N TYR A 157 11.36 18.85 -56.23
CA TYR A 157 11.57 18.02 -57.41
C TYR A 157 12.63 16.95 -57.20
N GLU A 158 13.71 17.31 -56.51
CA GLU A 158 14.81 16.35 -56.26
C GLU A 158 14.31 15.22 -55.38
N PHE A 159 13.52 15.55 -54.37
CA PHE A 159 12.94 14.51 -53.51
C PHE A 159 12.02 13.59 -54.33
N LYS A 160 11.23 14.16 -55.23
CA LYS A 160 10.32 13.37 -56.05
C LYS A 160 11.07 12.39 -56.95
N VAL A 161 12.14 12.86 -57.60
CA VAL A 161 12.88 12.02 -58.54
C VAL A 161 13.67 10.96 -57.78
N ILE A 162 14.28 11.35 -56.66
CA ILE A 162 15.10 10.38 -55.90
C ILE A 162 14.21 9.33 -55.26
N SER A 163 13.03 9.74 -54.75
CA SER A 163 11.98 8.81 -54.29
CA SER A 163 12.03 8.80 -54.27
C SER A 163 11.61 7.82 -55.39
N GLN A 164 11.39 8.35 -56.59
CA GLN A 164 11.04 7.47 -57.70
C GLN A 164 12.17 6.49 -58.01
N TYR A 165 13.41 6.95 -57.96
CA TYR A 165 14.56 6.09 -58.21
C TYR A 165 14.63 4.99 -57.14
N LEU A 166 14.52 5.38 -55.88
CA LEU A 166 14.55 4.45 -54.76
C LEU A 166 13.48 3.36 -54.91
N GLN A 167 12.24 3.75 -55.21
CA GLN A 167 11.16 2.76 -55.29
C GLN A 167 11.17 1.92 -56.58
N SER A 168 11.47 2.54 -57.70
CA SER A 168 11.34 1.88 -59.00
C SER A 168 12.46 0.90 -59.23
N THR A 169 13.55 1.05 -58.48
CA THR A 169 14.68 0.12 -58.60
C THR A 169 14.85 -0.78 -57.38
N HIS A 170 13.80 -0.90 -56.59
CA HIS A 170 13.75 -1.90 -55.54
C HIS A 170 13.40 -3.22 -56.20
N ALA A 171 14.36 -4.13 -56.23
CA ALA A 171 14.24 -5.39 -56.97
C ALA A 171 13.13 -6.28 -56.42
N PRO A 172 12.40 -6.97 -57.34
CA PRO A 172 11.33 -7.80 -56.84
C PRO A 172 11.83 -9.01 -56.03
N THR A 173 13.08 -9.42 -56.25
CA THR A 173 13.67 -10.55 -55.49
C THR A 173 14.15 -10.12 -54.09
N HIS A 174 14.11 -8.82 -53.82
CA HIS A 174 14.44 -8.29 -52.49
C HIS A 174 13.18 -7.96 -51.73
N SER A 175 12.39 -9.00 -51.51
CA SER A 175 11.01 -8.86 -51.05
C SER A 175 10.86 -8.90 -49.53
N ASP A 176 11.97 -9.05 -48.82
CA ASP A 176 11.92 -9.17 -47.36
C ASP A 176 11.67 -7.84 -46.64
N TYR A 177 11.74 -6.73 -47.38
CA TYR A 177 11.54 -5.41 -46.78
C TYR A 177 11.03 -4.41 -47.82
N THR A 178 10.45 -3.33 -47.33
CA THR A 178 10.27 -2.12 -48.15
C THR A 178 11.05 -0.99 -47.54
N MET A 179 11.23 0.06 -48.33
CA MET A 179 11.99 1.19 -47.87
C MET A 179 11.13 2.43 -47.97
N THR A 180 11.26 3.30 -46.97
CA THR A 180 10.54 4.58 -46.92
C THR A 180 11.60 5.66 -46.80
N LEU A 181 11.54 6.67 -47.68
CA LEU A 181 12.51 7.79 -47.60
C LEU A 181 12.12 8.81 -46.53
N LEU A 182 12.91 8.91 -45.47
CA LEU A 182 12.60 9.81 -44.35
C LEU A 182 13.16 11.20 -44.50
N ASP A 183 14.37 11.32 -45.05
CA ASP A 183 15.02 12.61 -45.28
C ASP A 183 16.05 12.46 -46.36
N LEU A 184 16.36 13.56 -47.05
CA LEU A 184 17.26 13.54 -48.20
C LEU A 184 18.21 14.72 -48.06
N PHE A 185 19.51 14.47 -48.26
CA PHE A 185 20.48 15.56 -48.11
C PHE A 185 21.31 15.66 -49.35
N GLU A 186 21.57 16.89 -49.78
CA GLU A 186 22.56 17.12 -50.82
C GLU A 186 23.91 17.06 -50.13
N VAL A 187 24.86 16.39 -50.78
CA VAL A 187 26.19 16.15 -50.22
C VAL A 187 27.23 16.88 -51.05
N GLU A 188 28.06 17.68 -50.37
CA GLU A 188 29.20 18.30 -51.03
C GLU A 188 30.45 18.13 -50.17
N LYS A 189 31.24 17.13 -50.52
CA LYS A 189 32.45 16.80 -49.81
C LYS A 189 33.56 17.75 -50.23
N ASP A 190 34.20 18.45 -49.27
CA ASP A 190 35.39 19.26 -49.55
C ASP A 190 36.35 18.52 -50.48
N GLY A 191 36.72 19.18 -51.57
CA GLY A 191 37.73 18.68 -52.50
C GLY A 191 37.26 17.78 -53.64
N GLU A 192 36.05 17.22 -53.52
CA GLU A 192 35.62 16.20 -54.48
C GLU A 192 35.35 16.77 -55.87
N LYS A 193 34.78 17.97 -55.92
CA LYS A 193 34.49 18.64 -57.18
C LYS A 193 35.80 18.90 -57.94
N GLU A 194 36.79 19.42 -57.21
CA GLU A 194 38.12 19.72 -57.77
C GLU A 194 38.86 18.50 -58.30
N ALA A 195 38.72 17.36 -57.62
CA ALA A 195 39.41 16.11 -58.00
C ALA A 195 38.71 15.33 -59.11
N PHE A 196 37.41 15.56 -59.29
CA PHE A 196 36.54 14.72 -60.12
C PHE A 196 36.94 14.70 -61.60
N ARG A 197 36.86 13.53 -62.23
CA ARG A 197 37.11 13.42 -63.67
C ARG A 197 35.87 13.87 -64.44
N GLU A 198 35.62 15.19 -64.47
CA GLU A 198 34.41 15.72 -65.11
C GLU A 198 34.51 15.60 -66.64
N ASP A 199 35.74 15.35 -67.11
CA ASP A 199 36.02 15.09 -68.53
C ASP A 199 35.45 13.77 -69.04
N LEU A 200 35.43 12.73 -68.20
CA LEU A 200 34.91 11.41 -68.58
C LEU A 200 33.42 11.41 -68.91
N HIS A 201 33.06 10.68 -69.94
CA HIS A 201 31.66 10.50 -70.32
C HIS A 201 31.02 9.41 -69.50
N ASN A 202 29.74 9.17 -69.79
CA ASN A 202 28.98 8.09 -69.19
C ASN A 202 28.84 8.22 -67.67
N ARG A 203 28.50 9.43 -67.26
CA ARG A 203 28.24 9.72 -65.86
C ARG A 203 26.86 9.22 -65.48
N MET A 204 26.81 8.42 -64.41
CA MET A 204 25.54 7.89 -63.94
C MET A 204 25.41 8.16 -62.45
N LEU A 205 24.17 8.37 -62.00
CA LEU A 205 23.85 8.51 -60.57
C LEU A 205 23.54 7.13 -60.01
N LEU A 206 24.45 6.60 -59.18
CA LEU A 206 24.38 5.18 -58.77
C LEU A 206 24.37 5.05 -57.24
N TRP A 207 23.85 3.93 -56.77
CA TRP A 207 23.69 3.65 -55.35
C TRP A 207 24.91 3.05 -54.70
N HIS A 208 25.09 3.38 -53.42
CA HIS A 208 26.07 2.70 -52.59
C HIS A 208 25.52 2.57 -51.20
N GLY A 209 25.50 1.36 -50.69
CA GLY A 209 25.07 1.10 -49.33
C GLY A 209 26.25 0.76 -48.45
N SER A 210 26.11 1.05 -47.17
CA SER A 210 27.13 0.67 -46.19
C SER A 210 26.51 0.59 -44.83
N ARG A 211 27.22 -0.06 -43.90
CA ARG A 211 26.73 -0.15 -42.53
C ARG A 211 26.74 1.20 -41.81
N MET A 212 25.91 1.31 -40.80
CA MET A 212 25.73 2.59 -40.10
C MET A 212 27.02 3.09 -39.47
N SER A 213 27.89 2.15 -39.11
CA SER A 213 29.15 2.51 -38.46
C SER A 213 30.10 3.22 -39.40
N ASN A 214 29.80 3.19 -40.69
CA ASN A 214 30.76 3.58 -41.71
C ASN A 214 30.61 4.98 -42.25
N TRP A 215 29.49 5.64 -41.94
CA TRP A 215 29.19 6.93 -42.57
C TRP A 215 30.06 8.08 -42.20
N VAL A 216 30.48 8.15 -40.94
CA VAL A 216 31.45 9.19 -40.57
C VAL A 216 32.73 9.07 -41.42
N GLY A 217 33.23 7.84 -41.60
CA GLY A 217 34.37 7.57 -42.46
C GLY A 217 34.13 7.93 -43.92
N ILE A 218 33.00 7.53 -44.45
CA ILE A 218 32.71 7.76 -45.86
C ILE A 218 32.53 9.27 -46.14
N LEU A 219 31.82 9.97 -45.26
CA LEU A 219 31.55 11.39 -45.51
C LEU A 219 32.82 12.22 -45.31
N SER A 220 33.67 11.82 -44.37
CA SER A 220 34.88 12.61 -44.12
C SER A 220 36.05 12.27 -45.04
N HIS A 221 36.13 11.01 -45.48
CA HIS A 221 37.27 10.57 -46.31
C HIS A 221 36.87 10.14 -47.70
N GLY A 222 35.56 10.10 -47.95
CA GLY A 222 35.04 9.64 -49.23
C GLY A 222 35.05 8.12 -49.33
N LEU A 223 34.45 7.60 -50.41
CA LEU A 223 34.55 6.19 -50.73
C LEU A 223 35.99 5.86 -51.12
N ARG A 224 36.48 4.76 -50.57
CA ARG A 224 37.87 4.35 -50.76
C ARG A 224 37.98 2.93 -51.29
N ILE A 225 39.09 2.64 -51.96
CA ILE A 225 39.40 1.29 -52.40
C ILE A 225 40.09 0.50 -51.28
N ALA A 226 39.97 -0.82 -51.35
CA ALA A 226 40.63 -1.74 -50.41
C ALA A 226 42.14 -1.59 -50.48
N PRO A 227 42.83 -1.80 -49.35
CA PRO A 227 44.29 -1.68 -49.30
C PRO A 227 44.95 -2.89 -49.95
N PRO A 228 46.24 -2.77 -50.32
CA PRO A 228 46.96 -3.89 -50.95
C PRO A 228 46.99 -5.17 -50.12
N GLU A 229 46.98 -5.06 -48.79
CA GLU A 229 47.02 -6.22 -47.88
C GLU A 229 45.75 -7.08 -47.82
N ALA A 230 44.64 -6.58 -48.35
CA ALA A 230 43.39 -7.33 -48.31
C ALA A 230 43.43 -8.53 -49.28
N PRO A 231 42.72 -9.63 -48.91
CA PRO A 231 42.65 -10.82 -49.78
C PRO A 231 42.08 -10.48 -51.15
N ILE A 232 42.78 -10.89 -52.21
CA ILE A 232 42.40 -10.50 -53.56
C ILE A 232 41.02 -11.06 -53.95
N THR A 233 40.77 -12.30 -53.56
CA THR A 233 39.51 -12.95 -53.95
C THR A 233 38.34 -12.56 -53.05
N GLY A 234 38.54 -11.58 -52.18
CA GLY A 234 37.43 -10.99 -51.43
C GLY A 234 36.68 -9.95 -52.25
N TYR A 235 37.21 -9.64 -53.43
CA TYR A 235 36.67 -8.57 -54.25
C TYR A 235 36.38 -9.13 -55.64
N MET A 236 35.11 -9.41 -55.92
CA MET A 236 34.75 -10.20 -57.11
C MET A 236 35.07 -9.54 -58.44
N PHE A 237 35.21 -8.21 -58.44
CA PHE A 237 35.66 -7.46 -59.62
C PHE A 237 36.87 -6.59 -59.32
N GLY A 238 37.57 -6.96 -58.27
CA GLY A 238 38.79 -6.26 -57.91
C GLY A 238 38.60 -5.14 -56.92
N LYS A 239 39.71 -4.51 -56.55
CA LYS A 239 39.73 -3.53 -55.48
C LYS A 239 39.36 -2.14 -55.99
N GLY A 240 38.07 -1.97 -56.25
CA GLY A 240 37.54 -0.68 -56.62
C GLY A 240 36.41 -0.27 -55.70
N ILE A 241 35.62 0.68 -56.18
CA ILE A 241 34.48 1.19 -55.41
C ILE A 241 33.24 0.69 -56.15
N TYR A 242 32.35 0.03 -55.43
CA TYR A 242 31.24 -0.73 -56.02
C TYR A 242 29.94 0.03 -55.93
N PHE A 243 29.19 0.03 -57.03
CA PHE A 243 27.89 0.72 -57.07
C PHE A 243 26.85 -0.21 -57.71
N ALA A 244 25.59 0.08 -57.44
CA ALA A 244 24.47 -0.60 -58.10
C ALA A 244 23.54 0.41 -58.77
N ASP A 245 22.79 -0.07 -59.78
CA ASP A 245 21.67 0.72 -60.31
C ASP A 245 20.32 0.27 -59.73
N MET A 246 20.35 -0.74 -58.86
CA MET A 246 19.15 -1.16 -58.14
C MET A 246 19.27 -0.78 -56.67
N SER A 247 18.38 0.09 -56.22
CA SER A 247 18.45 0.59 -54.85
C SER A 247 18.57 -0.53 -53.82
N SER A 248 17.79 -1.61 -53.97
CA SER A 248 17.78 -2.68 -52.97
C SER A 248 19.05 -3.53 -52.98
N LYS A 249 19.74 -3.64 -54.12
CA LYS A 249 21.02 -4.36 -54.20
C LYS A 249 22.01 -3.63 -53.30
N SER A 250 22.03 -2.30 -53.36
CA SER A 250 22.89 -1.54 -52.44
C SER A 250 22.36 -1.52 -51.00
N ALA A 251 21.04 -1.45 -50.83
CA ALA A 251 20.42 -1.37 -49.50
C ALA A 251 20.73 -2.62 -48.69
N ASN A 252 20.94 -3.74 -49.37
CA ASN A 252 21.25 -4.97 -48.66
C ASN A 252 22.58 -4.83 -47.92
N TYR A 253 23.45 -3.97 -48.43
CA TYR A 253 24.77 -3.72 -47.80
C TYR A 253 24.70 -2.74 -46.64
N CYS A 254 23.49 -2.24 -46.34
CA CYS A 254 23.32 -1.42 -45.14
C CYS A 254 23.26 -2.31 -43.90
N PHE A 255 22.94 -3.59 -44.11
CA PHE A 255 22.69 -4.53 -43.01
C PHE A 255 21.83 -3.94 -41.92
N ALA A 256 20.72 -3.29 -42.33
CA ALA A 256 19.69 -2.87 -41.40
C ALA A 256 18.97 -4.11 -40.86
N SER A 257 18.26 -3.93 -39.75
CA SER A 257 17.52 -5.01 -39.08
C SER A 257 16.25 -4.48 -38.44
N ARG A 258 15.34 -5.36 -38.03
CA ARG A 258 14.13 -4.90 -37.33
C ARG A 258 14.46 -4.01 -36.14
N LEU A 259 15.54 -4.34 -35.44
CA LEU A 259 15.99 -3.61 -34.25
C LEU A 259 16.63 -2.27 -34.61
N LYS A 260 17.44 -2.25 -35.67
CA LYS A 260 18.05 -1.00 -36.15
C LYS A 260 17.58 -0.78 -37.58
N ASN A 261 16.36 -0.27 -37.73
CA ASN A 261 15.77 -0.22 -39.07
C ASN A 261 15.95 1.09 -39.82
N THR A 262 16.80 1.99 -39.33
CA THR A 262 17.15 3.18 -40.10
C THR A 262 18.53 2.95 -40.68
N GLY A 263 18.65 3.13 -42.01
CA GLY A 263 19.96 3.05 -42.67
C GLY A 263 20.12 4.24 -43.59
N LEU A 264 21.29 4.35 -44.19
CA LEU A 264 21.53 5.40 -45.15
C LEU A 264 21.91 4.78 -46.48
N LEU A 265 21.47 5.42 -47.54
CA LEU A 265 21.95 5.08 -48.87
C LEU A 265 22.57 6.31 -49.49
N LEU A 266 23.68 6.12 -50.19
CA LEU A 266 24.36 7.21 -50.85
C LEU A 266 24.11 7.17 -52.37
N LEU A 267 23.82 8.32 -52.96
CA LEU A 267 23.84 8.45 -54.42
C LEU A 267 25.01 9.30 -54.82
N SER A 268 25.76 8.80 -55.80
CA SER A 268 26.94 9.51 -56.28
C SER A 268 26.91 9.59 -57.80
N GLU A 269 27.46 10.68 -58.32
CA GLU A 269 27.73 10.84 -59.76
C GLU A 269 28.99 10.04 -60.02
N VAL A 270 28.91 9.02 -60.86
CA VAL A 270 30.04 8.15 -61.12
C VAL A 270 30.46 8.30 -62.57
N ALA A 271 31.71 8.69 -62.80
CA ALA A 271 32.22 8.87 -64.17
C ALA A 271 32.74 7.51 -64.64
N LEU A 272 31.88 6.79 -65.35
CA LEU A 272 32.17 5.42 -65.75
C LEU A 272 33.07 5.36 -66.97
N GLY A 273 32.97 6.37 -67.83
CA GLY A 273 33.72 6.35 -69.10
C GLY A 273 33.33 5.10 -69.88
N GLN A 274 34.32 4.50 -70.54
CA GLN A 274 34.12 3.23 -71.22
C GLN A 274 34.10 2.06 -70.25
N CYS A 275 32.97 1.35 -70.18
CA CYS A 275 32.81 0.18 -69.33
C CYS A 275 33.43 -1.07 -69.93
N ASN A 276 34.17 -1.84 -69.13
CA ASN A 276 34.51 -3.21 -69.53
C ASN A 276 33.45 -4.16 -69.00
N GLU A 277 32.65 -4.71 -69.91
CA GLU A 277 31.52 -5.54 -69.55
C GLU A 277 31.94 -6.97 -69.33
N LEU A 278 31.61 -7.47 -68.16
CA LEU A 278 31.95 -8.84 -67.74
C LEU A 278 30.76 -9.65 -67.29
N LEU A 279 30.63 -10.83 -67.88
CA LEU A 279 29.60 -11.78 -67.48
C LEU A 279 29.94 -12.42 -66.14
N GLU A 280 31.20 -12.82 -65.97
CA GLU A 280 31.62 -13.58 -64.80
C GLU A 280 32.53 -12.76 -63.92
N ALA A 281 32.52 -13.12 -62.64
CA ALA A 281 33.42 -12.52 -61.65
C ALA A 281 34.85 -12.72 -62.07
N ASN A 282 35.68 -11.71 -61.78
CA ASN A 282 37.12 -11.81 -61.95
C ASN A 282 37.82 -10.83 -61.00
N PRO A 283 38.39 -11.34 -59.89
CA PRO A 283 39.07 -10.47 -58.95
C PRO A 283 40.25 -9.72 -59.58
N LYS A 284 40.71 -10.19 -60.74
CA LYS A 284 41.75 -9.49 -61.48
C LYS A 284 41.22 -8.51 -62.56
N ALA A 285 39.95 -8.11 -62.44
CA ALA A 285 39.31 -7.28 -63.47
C ALA A 285 40.01 -5.97 -63.79
N GLU A 286 40.64 -5.35 -62.80
CA GLU A 286 41.29 -4.07 -63.03
C GLU A 286 42.39 -4.18 -64.09
N GLY A 287 43.09 -5.31 -64.08
CA GLY A 287 44.12 -5.60 -65.07
C GLY A 287 43.60 -5.77 -66.48
N LEU A 288 42.29 -6.02 -66.62
CA LEU A 288 41.67 -6.25 -67.93
C LEU A 288 41.12 -4.98 -68.59
N LEU A 289 41.19 -3.85 -67.88
CA LEU A 289 40.63 -2.59 -68.36
C LEU A 289 41.20 -2.20 -69.71
N GLN A 290 42.53 -2.32 -69.83
CA GLN A 290 43.24 -2.10 -71.10
C GLN A 290 42.81 -0.79 -71.76
N GLY A 291 42.76 0.29 -70.98
CA GLY A 291 42.29 1.58 -71.48
C GLY A 291 40.89 2.01 -71.03
N LYS A 292 40.00 1.05 -70.78
CA LYS A 292 38.64 1.33 -70.30
C LYS A 292 38.67 1.84 -68.85
N HIS A 293 37.56 2.43 -68.40
CA HIS A 293 37.58 3.24 -67.17
C HIS A 293 36.81 2.63 -66.02
N SER A 294 36.09 1.56 -66.29
CA SER A 294 35.27 0.95 -65.25
C SER A 294 34.92 -0.46 -65.65
N THR A 295 34.53 -1.26 -64.67
CA THR A 295 34.01 -2.59 -64.93
C THR A 295 32.52 -2.57 -64.71
N LYS A 296 31.79 -3.19 -65.63
CA LYS A 296 30.39 -3.47 -65.43
C LYS A 296 30.11 -4.98 -65.34
N GLY A 297 29.73 -5.42 -64.16
CA GLY A 297 29.25 -6.79 -63.97
C GLY A 297 27.86 -6.82 -64.55
N LEU A 298 27.64 -7.70 -65.53
CA LEU A 298 26.40 -7.69 -66.30
C LEU A 298 25.28 -8.49 -65.66
N GLY A 299 24.21 -7.81 -65.25
CA GLY A 299 23.08 -8.45 -64.60
C GLY A 299 22.02 -8.97 -65.57
N LYS A 300 21.23 -9.92 -65.10
CA LYS A 300 20.15 -10.53 -65.87
C LYS A 300 19.02 -9.52 -66.08
N MET A 301 18.89 -8.63 -65.10
CA MET A 301 17.82 -7.65 -65.03
C MET A 301 18.42 -6.26 -64.78
N ALA A 302 17.89 -5.24 -65.45
CA ALA A 302 18.39 -3.88 -65.28
C ALA A 302 17.33 -2.87 -65.67
N PRO A 303 17.46 -1.63 -65.21
CA PRO A 303 16.64 -0.55 -65.74
C PRO A 303 16.89 -0.36 -67.24
N SER A 304 15.87 0.05 -67.99
CA SER A 304 16.05 0.25 -69.43
C SER A 304 16.04 1.73 -69.79
N SER A 305 16.87 2.07 -70.78
CA SER A 305 17.13 3.45 -71.19
C SER A 305 15.88 4.30 -71.46
N ALA A 306 14.81 3.69 -71.96
CA ALA A 306 13.54 4.38 -72.22
C ALA A 306 13.03 5.21 -71.02
N HIS A 307 13.36 4.76 -69.81
CA HIS A 307 12.84 5.38 -68.59
C HIS A 307 13.79 6.34 -67.92
N PHE A 308 15.01 6.46 -68.43
CA PHE A 308 16.04 7.28 -67.79
C PHE A 308 15.73 8.76 -67.83
N VAL A 309 16.11 9.45 -66.76
CA VAL A 309 16.04 10.89 -66.70
C VAL A 309 17.44 11.39 -66.41
N THR A 310 17.61 12.71 -66.38
CA THR A 310 18.87 13.32 -65.99
C THR A 310 18.63 14.14 -64.72
N LEU A 311 19.65 14.19 -63.86
CA LEU A 311 19.63 15.03 -62.66
C LEU A 311 21.04 15.60 -62.51
N ASN A 312 21.16 16.93 -62.54
CA ASN A 312 22.43 17.65 -62.40
C ASN A 312 23.59 17.05 -63.23
N GLY A 313 23.31 16.69 -64.49
CA GLY A 313 24.34 16.18 -65.40
C GLY A 313 24.67 14.70 -65.34
N SER A 314 23.93 13.95 -64.54
CA SER A 314 24.11 12.52 -64.42
C SER A 314 22.84 11.84 -64.86
N THR A 315 23.00 10.77 -65.63
CA THR A 315 21.88 9.92 -66.01
C THR A 315 21.37 9.15 -64.78
N VAL A 316 20.05 9.18 -64.58
CA VAL A 316 19.37 8.46 -63.50
C VAL A 316 18.63 7.27 -64.09
N PRO A 317 19.09 6.05 -63.77
CA PRO A 317 18.51 4.89 -64.42
C PRO A 317 17.23 4.39 -63.72
N LEU A 318 16.13 5.13 -63.90
CA LEU A 318 14.86 4.83 -63.25
C LEU A 318 14.36 3.46 -63.68
N GLY A 319 13.72 2.75 -62.76
CA GLY A 319 13.14 1.43 -63.01
C GLY A 319 11.80 1.50 -63.75
N PRO A 320 11.09 0.35 -63.87
CA PRO A 320 11.50 -0.93 -63.27
C PRO A 320 12.58 -1.66 -64.06
N ALA A 321 13.16 -2.68 -63.45
CA ALA A 321 14.12 -3.53 -64.15
C ALA A 321 13.42 -4.53 -65.06
N SER A 322 14.08 -4.87 -66.17
CA SER A 322 13.60 -5.90 -67.08
C SER A 322 14.80 -6.62 -67.71
N ASP A 323 14.53 -7.65 -68.52
CA ASP A 323 15.62 -8.48 -69.00
C ASP A 323 16.57 -7.75 -69.95
N THR A 324 17.86 -8.06 -69.81
CA THR A 324 18.90 -7.39 -70.55
C THR A 324 19.36 -8.22 -71.75
N GLY A 325 18.87 -9.46 -71.83
CA GLY A 325 19.35 -10.42 -72.83
C GLY A 325 20.63 -11.15 -72.44
N ILE A 326 21.02 -11.03 -71.17
CA ILE A 326 22.27 -11.59 -70.64
C ILE A 326 21.99 -12.84 -69.80
N LEU A 327 22.62 -13.96 -70.18
CA LEU A 327 22.52 -15.22 -69.42
C LEU A 327 23.79 -16.07 -69.62
N ASN A 328 24.24 -16.71 -68.56
CA ASN A 328 25.42 -17.59 -68.61
C ASN A 328 24.98 -19.05 -68.79
N GLY A 331 27.49 -21.33 -66.14
CA GLY A 331 28.04 -20.78 -64.90
C GLY A 331 27.09 -19.83 -64.20
N TYR A 332 27.64 -19.00 -63.32
CA TYR A 332 26.86 -18.05 -62.54
C TYR A 332 26.50 -16.81 -63.37
N THR A 333 25.35 -16.21 -63.06
CA THR A 333 25.01 -14.93 -63.69
C THR A 333 24.55 -13.98 -62.59
N LEU A 334 25.02 -12.73 -62.65
CA LEU A 334 24.57 -11.71 -61.72
C LEU A 334 23.07 -11.47 -61.88
N ASN A 335 22.35 -11.37 -60.77
CA ASN A 335 20.93 -10.98 -60.82
C ASN A 335 20.78 -9.58 -61.40
N TYR A 336 21.59 -8.64 -60.88
CA TYR A 336 21.56 -7.22 -61.26
C TYR A 336 22.97 -6.74 -61.53
N ASN A 337 23.06 -5.63 -62.26
CA ASN A 337 24.33 -4.99 -62.62
C ASN A 337 25.11 -4.61 -61.36
N GLU A 338 26.42 -4.53 -61.51
CA GLU A 338 27.21 -3.73 -60.59
C GLU A 338 28.32 -3.04 -61.34
N TYR A 339 28.67 -1.87 -60.84
CA TYR A 339 29.62 -0.99 -61.51
C TYR A 339 30.79 -0.78 -60.60
N ILE A 340 31.99 -0.87 -61.14
CA ILE A 340 33.18 -0.70 -60.32
C ILE A 340 34.12 0.31 -60.97
N VAL A 341 34.51 1.33 -60.20
CA VAL A 341 35.59 2.25 -60.61
C VAL A 341 36.80 2.04 -59.67
N TYR A 342 37.99 2.36 -60.15
CA TYR A 342 39.20 1.99 -59.40
C TYR A 342 39.99 3.21 -58.90
N ASN A 343 39.36 4.38 -58.98
CA ASN A 343 39.96 5.62 -58.50
C ASN A 343 38.84 6.47 -57.90
N PRO A 344 39.05 7.00 -56.68
CA PRO A 344 38.00 7.85 -56.11
C PRO A 344 37.73 9.11 -56.91
N ASN A 345 38.66 9.52 -57.80
CA ASN A 345 38.40 10.71 -58.59
C ASN A 345 37.32 10.50 -59.66
N GLN A 346 36.78 9.29 -59.73
CA GLN A 346 35.65 9.02 -60.62
C GLN A 346 34.30 9.07 -59.90
N VAL A 347 34.32 9.56 -58.67
CA VAL A 347 33.14 9.61 -57.81
C VAL A 347 32.92 11.03 -57.26
N ARG A 348 31.68 11.50 -57.34
CA ARG A 348 31.29 12.73 -56.66
C ARG A 348 30.03 12.40 -55.88
N MET A 349 30.15 12.33 -54.55
CA MET A 349 28.99 12.02 -53.72
C MET A 349 28.01 13.15 -53.89
N ARG A 350 26.73 12.81 -54.03
CA ARG A 350 25.72 13.82 -54.33
C ARG A 350 24.51 13.87 -53.40
N TYR A 351 23.95 12.71 -53.06
CA TYR A 351 22.80 12.68 -52.15
C TYR A 351 22.94 11.61 -51.09
N LEU A 352 22.44 11.91 -49.89
CA LEU A 352 22.41 10.94 -48.82
C LEU A 352 20.97 10.76 -48.40
N LEU A 353 20.48 9.53 -48.45
CA LEU A 353 19.10 9.23 -48.12
C LEU A 353 19.03 8.58 -46.74
N LYS A 354 18.17 9.11 -45.88
CA LYS A 354 17.88 8.46 -44.60
C LYS A 354 16.66 7.58 -44.84
N VAL A 355 16.85 6.27 -44.71
CA VAL A 355 15.82 5.31 -45.11
C VAL A 355 15.33 4.51 -43.91
N GLN A 356 14.01 4.36 -43.83
CA GLN A 356 13.41 3.45 -42.85
C GLN A 356 13.11 2.14 -43.55
N PHE A 357 13.69 1.05 -43.04
CA PHE A 357 13.44 -0.27 -43.59
C PHE A 357 12.25 -0.86 -42.85
N ASN A 358 11.31 -1.40 -43.61
CA ASN A 358 10.11 -2.00 -43.03
C ASN A 358 10.16 -3.48 -43.31
N PHE A 359 10.49 -4.27 -42.29
CA PHE A 359 10.73 -5.69 -42.54
C PHE A 359 9.46 -6.48 -42.53
N LEU A 360 9.38 -7.41 -43.46
CA LEU A 360 8.24 -8.30 -43.56
C LEU A 360 8.83 -9.66 -43.19
N GLN A 361 8.19 -10.35 -42.26
CA GLN A 361 8.61 -11.67 -41.88
C GLN A 361 7.76 -12.65 -42.68
N LEU A 362 8.23 -13.00 -43.87
CA LEU A 362 7.44 -13.82 -44.79
C LEU A 362 7.77 -15.28 -44.62
N TRP A 363 6.75 -16.12 -44.76
CA TRP A 363 6.93 -17.57 -44.74
C TRP A 363 5.99 -18.28 -45.68
N GLN B 13 -56.43 11.83 51.49
CA GLN B 13 -56.99 10.97 50.36
C GLN B 13 -56.27 9.64 50.18
N LEU B 14 -55.09 9.51 50.77
CA LEU B 14 -54.35 8.25 50.74
C LEU B 14 -54.77 7.37 51.90
N ASP B 15 -54.66 6.04 51.72
CA ASP B 15 -54.79 5.08 52.82
C ASP B 15 -53.82 5.45 53.92
N LEU B 16 -54.23 5.28 55.18
CA LEU B 16 -53.40 5.66 56.33
C LEU B 16 -52.02 5.00 56.37
N ARG B 17 -51.92 3.77 55.86
CA ARG B 17 -50.64 3.06 55.83
C ARG B 17 -49.65 3.72 54.87
N VAL B 18 -50.17 4.25 53.76
CA VAL B 18 -49.37 5.01 52.79
C VAL B 18 -48.98 6.38 53.39
N GLN B 19 -49.94 7.05 54.03
CA GLN B 19 -49.67 8.30 54.74
C GLN B 19 -48.50 8.14 55.70
N GLU B 20 -48.53 7.07 56.49
CA GLU B 20 -47.47 6.82 57.46
C GLU B 20 -46.14 6.50 56.79
N LEU B 21 -46.18 5.78 55.68
CA LEU B 21 -44.97 5.52 54.87
C LEU B 21 -44.36 6.81 54.29
N ILE B 22 -45.21 7.63 53.68
CA ILE B 22 -44.80 8.87 53.04
C ILE B 22 -44.25 9.86 54.06
N LYS B 23 -44.94 9.96 55.20
CA LYS B 23 -44.50 10.81 56.31
C LYS B 23 -43.13 10.39 56.81
N LEU B 24 -42.88 9.08 56.82
CA LEU B 24 -41.62 8.53 57.30
C LEU B 24 -40.47 8.82 56.34
N ILE B 25 -40.65 8.51 55.05
CA ILE B 25 -39.53 8.65 54.11
C ILE B 25 -39.26 10.08 53.63
N CYS B 26 -40.27 10.96 53.70
CA CYS B 26 -40.12 12.34 53.21
C CYS B 26 -39.67 13.33 54.30
N ASN B 27 -39.31 12.81 55.46
CA ASN B 27 -38.95 13.66 56.62
C ASN B 27 -37.49 14.11 56.47
N VAL B 28 -37.30 15.39 56.13
CA VAL B 28 -35.98 15.96 55.88
C VAL B 28 -35.17 16.04 57.18
N GLN B 29 -35.81 16.38 58.29
CA GLN B 29 -35.08 16.34 59.57
C GLN B 29 -34.55 14.94 59.91
N ALA B 30 -35.31 13.89 59.58
CA ALA B 30 -34.86 12.53 59.77
C ALA B 30 -33.59 12.25 58.96
N MET B 31 -33.51 12.81 57.75
CA MET B 31 -32.35 12.61 56.89
C MET B 31 -31.13 13.30 57.49
N GLU B 32 -31.36 14.50 58.02
CA GLU B 32 -30.30 15.24 58.69
C GLU B 32 -29.75 14.42 59.85
N GLU B 33 -30.65 13.90 60.67
CA GLU B 33 -30.24 13.11 61.84
C GLU B 33 -29.49 11.85 61.43
N MET B 34 -29.93 11.22 60.33
CA MET B 34 -29.22 10.05 59.80
C MET B 34 -27.81 10.40 59.37
N MET B 35 -27.66 11.54 58.68
CA MET B 35 -26.33 11.95 58.21
C MET B 35 -25.42 12.25 59.40
N MET B 36 -25.98 12.90 60.42
CA MET B 36 -25.22 13.16 61.65
C MET B 36 -24.75 11.89 62.34
N GLU B 37 -25.60 10.85 62.33
CA GLU B 37 -25.22 9.56 62.88
C GLU B 37 -24.07 8.95 62.08
N MET B 38 -24.00 9.23 60.78
CA MET B 38 -22.89 8.82 59.92
C MET B 38 -21.67 9.73 60.06
N LYS B 39 -21.73 10.65 61.02
CA LYS B 39 -20.67 11.62 61.35
C LYS B 39 -20.49 12.74 60.30
N TYR B 40 -21.46 12.89 59.40
CA TYR B 40 -21.46 14.01 58.46
C TYR B 40 -21.84 15.29 59.19
N ASN B 41 -21.10 16.37 58.93
CA ASN B 41 -21.31 17.64 59.66
C ASN B 41 -22.36 18.55 59.00
N THR B 42 -23.62 18.31 59.34
CA THR B 42 -24.73 19.07 58.78
C THR B 42 -24.77 20.51 59.27
N LYS B 43 -24.12 20.80 60.39
CA LYS B 43 -24.02 22.19 60.86
C LYS B 43 -23.13 22.96 59.91
N LYS B 44 -21.97 22.39 59.64
CA LYS B 44 -20.94 22.94 58.76
C LYS B 44 -21.40 22.94 57.30
N ALA B 45 -22.17 21.92 56.90
CA ALA B 45 -22.62 21.81 55.51
C ALA B 45 -24.11 21.44 55.47
N PRO B 46 -25.01 22.44 55.65
CA PRO B 46 -26.45 22.14 55.68
C PRO B 46 -26.92 21.48 54.40
N LEU B 47 -27.80 20.49 54.54
CA LEU B 47 -28.22 19.65 53.43
C LEU B 47 -28.92 20.41 52.32
N GLY B 48 -29.47 21.56 52.70
CA GLY B 48 -30.14 22.46 51.76
C GLY B 48 -29.20 23.04 50.71
N LYS B 49 -27.90 23.06 51.00
CA LYS B 49 -26.91 23.69 50.11
C LYS B 49 -26.05 22.65 49.42
N LEU B 50 -26.36 21.38 49.70
CA LEU B 50 -25.65 20.27 49.11
C LEU B 50 -25.91 20.25 47.61
N THR B 51 -24.85 20.12 46.80
CA THR B 51 -25.00 20.11 45.35
C THR B 51 -24.51 18.81 44.76
N VAL B 52 -24.96 18.50 43.55
CA VAL B 52 -24.45 17.30 42.87
C VAL B 52 -22.97 17.44 42.56
N ALA B 53 -22.51 18.67 42.25
CA ALA B 53 -21.07 18.93 42.06
C ALA B 53 -20.25 18.56 43.29
N GLN B 54 -20.75 18.89 44.48
CA GLN B 54 -20.02 18.58 45.71
C GLN B 54 -19.90 17.05 45.88
N ILE B 55 -20.96 16.33 45.56
CA ILE B 55 -20.97 14.87 45.72
C ILE B 55 -19.98 14.25 44.73
N LYS B 56 -20.00 14.73 43.50
CA LYS B 56 -19.04 14.27 42.49
C LYS B 56 -17.61 14.52 42.99
N ALA B 57 -17.37 15.67 43.59
CA ALA B 57 -16.04 15.98 44.14
C ALA B 57 -15.64 15.03 45.25
N GLY B 58 -16.61 14.62 46.06
CA GLY B 58 -16.36 13.63 47.09
C GLY B 58 -15.90 12.32 46.46
N TYR B 59 -16.57 11.90 45.40
CA TYR B 59 -16.15 10.67 44.71
C TYR B 59 -14.74 10.78 44.16
N GLN B 60 -14.42 11.94 43.61
CA GLN B 60 -13.07 12.20 43.08
C GLN B 60 -12.01 12.04 44.14
N SER B 61 -12.27 12.56 45.34
CA SER B 61 -11.35 12.38 46.46
C SER B 61 -11.28 10.92 46.87
N LEU B 62 -12.40 10.21 46.90
CA LEU B 62 -12.35 8.78 47.23
C LEU B 62 -11.54 7.97 46.22
N LYS B 63 -11.51 8.42 44.97
CA LYS B 63 -10.64 7.75 43.97
C LYS B 63 -9.16 7.95 44.30
N LYS B 64 -8.79 9.14 44.75
CA LYS B 64 -7.41 9.38 45.21
C LYS B 64 -7.08 8.49 46.41
N ILE B 65 -8.05 8.33 47.31
CA ILE B 65 -7.85 7.48 48.46
C ILE B 65 -7.69 6.04 47.98
N GLU B 66 -8.55 5.62 47.04
CA GLU B 66 -8.46 4.28 46.47
C GLU B 66 -7.07 4.01 45.93
N ASP B 67 -6.52 4.98 45.20
CA ASP B 67 -5.19 4.81 44.58
C ASP B 67 -4.16 4.47 45.66
N CYS B 68 -4.21 5.17 46.79
CA CYS B 68 -3.30 4.89 47.92
C CYS B 68 -3.55 3.50 48.47
N ILE B 69 -4.81 3.19 48.75
CA ILE B 69 -5.14 1.93 49.42
C ILE B 69 -4.72 0.74 48.56
N ARG B 70 -4.96 0.83 47.26
CA ARG B 70 -4.65 -0.28 46.35
C ARG B 70 -3.13 -0.48 46.18
N ALA B 71 -2.35 0.54 46.55
CA ALA B 71 -0.89 0.43 46.49
C ALA B 71 -0.30 0.26 47.91
N GLY B 72 -1.17 0.09 48.91
CA GLY B 72 -0.73 -0.09 50.30
C GLY B 72 0.05 1.10 50.86
N GLN B 73 -0.35 2.30 50.44
CA GLN B 73 0.30 3.54 50.84
C GLN B 73 -0.52 4.20 51.95
N HIS B 74 0.05 4.29 53.16
CA HIS B 74 -0.70 4.82 54.31
C HIS B 74 -0.09 6.04 54.92
N GLY B 75 0.88 6.62 54.24
CA GLY B 75 1.64 7.76 54.79
C GLY B 75 1.08 9.11 54.40
N ARG B 76 1.98 10.03 54.05
CA ARG B 76 1.60 11.39 53.71
C ARG B 76 0.61 11.51 52.55
N ALA B 77 0.77 10.69 51.52
CA ALA B 77 -0.15 10.71 50.38
C ALA B 77 -1.58 10.40 50.82
N LEU B 78 -1.74 9.46 51.74
CA LEU B 78 -3.09 9.06 52.15
C LEU B 78 -3.68 10.13 53.04
N MET B 79 -2.83 10.69 53.92
CA MET B 79 -3.25 11.81 54.78
C MET B 79 -3.78 12.97 53.94
N GLU B 80 -3.05 13.31 52.88
CA GLU B 80 -3.42 14.39 51.99
C GLU B 80 -4.74 14.10 51.25
N ALA B 81 -4.89 12.86 50.79
CA ALA B 81 -6.10 12.48 50.07
C ALA B 81 -7.31 12.51 51.02
N CYS B 82 -7.13 12.01 52.23
CA CYS B 82 -8.22 11.99 53.20
C CYS B 82 -8.55 13.42 53.60
N ASN B 83 -7.55 14.27 53.82
CA ASN B 83 -7.82 15.67 54.12
C ASN B 83 -8.67 16.33 53.04
N GLU B 84 -8.40 16.00 51.78
CA GLU B 84 -9.17 16.57 50.67
C GLU B 84 -10.63 16.11 50.74
N PHE B 85 -10.81 14.82 51.00
CA PHE B 85 -12.16 14.27 51.11
C PHE B 85 -12.94 14.90 52.26
N TYR B 86 -12.33 14.93 53.44
CA TYR B 86 -12.98 15.50 54.62
C TYR B 86 -13.23 17.00 54.49
N THR B 87 -12.43 17.70 53.70
CA THR B 87 -12.72 19.09 53.39
C THR B 87 -13.97 19.23 52.52
N ARG B 88 -14.11 18.38 51.50
CA ARG B 88 -15.24 18.49 50.57
C ARG B 88 -16.53 17.95 51.15
N ILE B 89 -16.38 16.94 52.00
CA ILE B 89 -17.47 16.23 52.64
C ILE B 89 -17.24 16.27 54.16
N PRO B 90 -17.65 17.39 54.80
CA PRO B 90 -17.28 17.65 56.20
C PRO B 90 -17.83 16.59 57.16
N HIS B 91 -17.00 16.15 58.09
CA HIS B 91 -17.37 15.21 59.13
C HIS B 91 -17.17 15.91 60.46
N ASP B 92 -17.79 15.41 61.52
CA ASP B 92 -17.66 16.04 62.83
C ASP B 92 -17.02 15.07 63.81
N PHE B 93 -15.75 15.32 64.10
CA PHE B 93 -14.97 14.44 64.96
C PHE B 93 -14.62 15.15 66.26
N GLY B 94 -15.06 16.41 66.38
CA GLY B 94 -14.84 17.21 67.58
C GLY B 94 -13.37 17.40 67.89
N LEU B 95 -12.91 16.74 68.95
CA LEU B 95 -11.50 16.78 69.36
C LEU B 95 -10.63 15.74 68.65
N ARG B 96 -11.25 14.64 68.23
CA ARG B 96 -10.51 13.52 67.63
C ARG B 96 -9.83 13.88 66.32
N THR B 97 -8.68 13.24 66.07
CA THR B 97 -8.01 13.33 64.78
C THR B 97 -8.91 12.64 63.75
N PRO B 98 -9.18 13.30 62.62
CA PRO B 98 -9.97 12.64 61.56
C PRO B 98 -9.31 11.32 61.18
N PRO B 99 -10.06 10.20 61.26
CA PRO B 99 -9.51 8.87 60.98
C PRO B 99 -9.14 8.69 59.51
N LEU B 100 -8.01 8.03 59.26
CA LEU B 100 -7.63 7.69 57.90
C LEU B 100 -8.56 6.63 57.34
N ILE B 101 -8.75 6.69 56.03
CA ILE B 101 -9.56 5.72 55.33
C ILE B 101 -8.56 4.76 54.69
N ARG B 102 -8.36 3.61 55.33
CA ARG B 102 -7.25 2.70 54.97
C ARG B 102 -7.67 1.37 54.37
N THR B 103 -8.91 0.96 54.59
CA THR B 103 -9.40 -0.35 54.13
C THR B 103 -10.50 -0.23 53.10
N GLN B 104 -10.72 -1.31 52.35
CA GLN B 104 -11.82 -1.37 51.39
C GLN B 104 -13.17 -1.21 52.12
N LYS B 105 -13.25 -1.69 53.36
CA LYS B 105 -14.45 -1.55 54.19
C LYS B 105 -14.72 -0.08 54.53
N GLU B 106 -13.68 0.63 54.95
CA GLU B 106 -13.82 2.06 55.22
C GLU B 106 -14.14 2.84 53.94
N LEU B 107 -13.57 2.42 52.81
CA LEU B 107 -13.84 3.07 51.54
C LEU B 107 -15.30 2.89 51.13
N SER B 108 -15.80 1.66 51.33
CA SER B 108 -17.19 1.34 51.04
C SER B 108 -18.17 2.16 51.89
N GLU B 109 -17.84 2.37 53.16
CA GLU B 109 -18.66 3.22 54.05
C GLU B 109 -18.78 4.65 53.56
N LYS B 110 -17.70 5.17 52.99
CA LYS B 110 -17.73 6.54 52.47
C LYS B 110 -18.52 6.59 51.18
N ILE B 111 -18.44 5.54 50.35
CA ILE B 111 -19.26 5.48 49.15
C ILE B 111 -20.74 5.49 49.58
N GLN B 112 -21.07 4.73 50.61
CA GLN B 112 -22.44 4.68 51.09
C GLN B 112 -22.92 6.05 51.56
N LEU B 113 -22.03 6.83 52.21
CA LEU B 113 -22.36 8.18 52.64
C LEU B 113 -22.66 9.05 51.41
N LEU B 114 -21.82 8.96 50.39
CA LEU B 114 -22.09 9.73 49.16
C LEU B 114 -23.36 9.35 48.43
N GLU B 115 -23.67 8.04 48.46
CA GLU B 115 -24.93 7.57 47.90
C GLU B 115 -26.10 8.19 48.66
N ALA B 116 -26.01 8.24 49.99
CA ALA B 116 -27.07 8.81 50.81
C ALA B 116 -27.21 10.31 50.53
N LEU B 117 -26.08 11.00 50.45
CA LEU B 117 -26.17 12.42 50.13
C LEU B 117 -26.83 12.68 48.76
N GLY B 118 -26.50 11.83 47.78
CA GLY B 118 -27.13 11.90 46.46
C GLY B 118 -28.63 11.77 46.56
N ASP B 119 -29.08 10.83 47.37
CA ASP B 119 -30.52 10.61 47.50
C ASP B 119 -31.21 11.73 48.27
N ILE B 120 -30.51 12.28 49.25
CA ILE B 120 -31.01 13.44 50.00
C ILE B 120 -31.13 14.69 49.11
N GLU B 121 -30.14 14.88 48.23
CA GLU B 121 -30.18 16.00 47.29
C GLU B 121 -31.45 15.84 46.43
N ILE B 122 -31.73 14.61 46.00
CA ILE B 122 -32.95 14.36 45.23
C ILE B 122 -34.21 14.62 46.07
N ALA B 123 -34.21 14.13 47.31
CA ALA B 123 -35.40 14.28 48.17
C ALA B 123 -35.75 15.74 48.43
N ILE B 124 -34.74 16.57 48.67
CA ILE B 124 -34.99 17.96 49.09
C ILE B 124 -35.75 18.67 47.97
N LYS B 125 -35.38 18.38 46.72
CA LYS B 125 -36.09 18.94 45.58
C LYS B 125 -37.52 18.38 45.43
N LEU B 126 -37.65 17.07 45.62
CA LEU B 126 -38.93 16.39 45.44
C LEU B 126 -40.03 16.82 46.42
N VAL B 127 -39.64 17.16 47.64
CA VAL B 127 -40.62 17.47 48.67
C VAL B 127 -41.20 18.88 48.53
N LYS B 128 -40.68 19.68 47.60
CA LYS B 128 -41.23 21.04 47.43
C LYS B 128 -42.67 20.95 46.94
N THR B 129 -43.59 21.63 47.63
CA THR B 129 -45.03 21.55 47.35
C THR B 129 -45.45 22.72 46.46
N GLU B 130 -46.69 22.64 45.97
CA GLU B 130 -47.27 23.69 45.13
C GLU B 130 -47.85 24.78 46.01
N LEU B 131 -47.76 26.02 45.56
CA LEU B 131 -48.22 27.17 46.32
C LEU B 131 -49.69 27.09 46.75
N GLN B 132 -50.56 26.68 45.83
CA GLN B 132 -51.96 26.39 46.11
C GLN B 132 -52.27 24.97 45.62
N SER B 133 -52.90 24.14 46.45
CA SER B 133 -53.25 22.79 46.04
C SER B 133 -54.58 22.30 46.61
N HIS B 136 -53.33 17.89 49.90
CA HIS B 136 -52.61 17.75 51.16
C HIS B 136 -51.13 17.51 50.86
N PRO B 137 -50.21 18.02 51.70
CA PRO B 137 -48.80 17.85 51.37
C PRO B 137 -48.33 16.39 51.22
N LEU B 138 -48.82 15.50 52.08
CA LEU B 138 -48.49 14.07 51.95
C LEU B 138 -48.87 13.55 50.56
N ASP B 139 -50.06 13.92 50.09
CA ASP B 139 -50.53 13.51 48.75
C ASP B 139 -49.67 14.06 47.63
N GLN B 140 -49.16 15.27 47.82
CA GLN B 140 -48.30 15.89 46.84
C GLN B 140 -46.97 15.18 46.80
N HIS B 141 -46.46 14.84 47.99
CA HIS B 141 -45.20 14.09 48.07
C HIS B 141 -45.31 12.79 47.35
N TYR B 142 -46.41 12.10 47.63
CA TYR B 142 -46.70 10.83 46.98
C TYR B 142 -46.76 10.95 45.46
N ARG B 143 -47.55 11.91 44.97
CA ARG B 143 -47.66 12.16 43.53
C ARG B 143 -46.29 12.43 42.91
N ASN B 144 -45.46 13.18 43.63
CA ASN B 144 -44.17 13.55 43.11
C ASN B 144 -43.15 12.43 42.96
N LEU B 145 -43.41 11.29 43.62
CA LEU B 145 -42.58 10.08 43.46
C LEU B 145 -42.76 9.42 42.11
N HIS B 146 -43.91 9.63 41.49
CA HIS B 146 -44.27 8.93 40.24
C HIS B 146 -44.06 7.44 40.39
N CYS B 147 -44.64 6.93 41.47
CA CYS B 147 -44.47 5.55 41.87
C CYS B 147 -45.66 5.18 42.72
N ALA B 148 -46.47 4.25 42.24
CA ALA B 148 -47.63 3.84 43.02
C ALA B 148 -47.20 2.96 44.17
N LEU B 149 -47.82 3.19 45.32
CA LEU B 149 -47.61 2.36 46.48
C LEU B 149 -48.95 1.94 47.03
N ARG B 150 -49.25 0.64 46.93
CA ARG B 150 -50.55 0.09 47.31
C ARG B 150 -50.43 -0.93 48.44
N PRO B 151 -51.05 -0.63 49.60
CA PRO B 151 -50.91 -1.54 50.74
C PRO B 151 -51.59 -2.87 50.47
N LEU B 152 -50.96 -3.96 50.88
CA LEU B 152 -51.55 -5.29 50.70
C LEU B 152 -52.12 -5.83 52.01
N ASP B 153 -53.19 -6.61 51.90
CA ASP B 153 -53.87 -7.19 53.03
C ASP B 153 -53.01 -8.28 53.65
N HIS B 154 -52.99 -8.34 54.97
CA HIS B 154 -52.27 -9.40 55.68
C HIS B 154 -52.74 -10.80 55.37
N GLU B 155 -53.98 -10.93 54.89
CA GLU B 155 -54.54 -12.24 54.56
C GLU B 155 -54.19 -12.68 53.15
N SER B 156 -53.62 -11.76 52.35
CA SER B 156 -53.31 -12.05 50.96
C SER B 156 -52.20 -13.08 50.83
N TYR B 157 -52.24 -13.82 49.72
CA TYR B 157 -51.22 -14.81 49.43
C TYR B 157 -49.86 -14.13 49.29
N GLU B 158 -49.83 -13.00 48.60
CA GLU B 158 -48.60 -12.19 48.53
C GLU B 158 -47.99 -11.88 49.88
N PHE B 159 -48.81 -11.43 50.83
CA PHE B 159 -48.29 -11.16 52.17
C PHE B 159 -47.76 -12.43 52.82
N LYS B 160 -48.51 -13.53 52.69
CA LYS B 160 -48.10 -14.77 53.31
C LYS B 160 -46.77 -15.25 52.71
N VAL B 161 -46.63 -15.15 51.39
CA VAL B 161 -45.43 -15.68 50.72
C VAL B 161 -44.22 -14.80 51.01
N ILE B 162 -44.44 -13.50 51.00
CA ILE B 162 -43.34 -12.54 51.27
C ILE B 162 -42.92 -12.62 52.74
N SER B 163 -43.89 -12.80 53.64
CA SER B 163 -43.51 -13.02 55.03
C SER B 163 -42.66 -14.30 55.17
N GLN B 164 -43.03 -15.37 54.46
CA GLN B 164 -42.24 -16.60 54.51
C GLN B 164 -40.83 -16.42 53.91
N TYR B 165 -40.75 -15.66 52.83
CA TYR B 165 -39.47 -15.31 52.23
C TYR B 165 -38.64 -14.51 53.22
N LEU B 166 -39.24 -13.53 53.87
CA LEU B 166 -38.52 -12.72 54.85
C LEU B 166 -37.92 -13.57 55.98
N GLN B 167 -38.76 -14.45 56.56
CA GLN B 167 -38.34 -15.27 57.71
C GLN B 167 -37.43 -16.44 57.32
N SER B 168 -37.73 -17.11 56.21
CA SER B 168 -37.01 -18.32 55.85
C SER B 168 -35.62 -18.06 55.30
N THR B 169 -35.39 -16.82 54.86
CA THR B 169 -34.07 -16.45 54.37
C THR B 169 -33.36 -15.45 55.29
N HIS B 170 -33.80 -15.39 56.54
CA HIS B 170 -33.02 -14.74 57.58
C HIS B 170 -31.89 -15.68 57.96
N ALA B 171 -30.65 -15.27 57.64
CA ALA B 171 -29.47 -16.12 57.78
C ALA B 171 -29.14 -16.43 59.23
N PRO B 172 -28.65 -17.66 59.50
CA PRO B 172 -28.32 -18.05 60.89
C PRO B 172 -27.19 -17.19 61.47
N THR B 173 -26.31 -16.70 60.60
CA THR B 173 -25.20 -15.87 61.06
C THR B 173 -25.60 -14.41 61.36
N HIS B 174 -26.84 -14.05 61.02
CA HIS B 174 -27.35 -12.71 61.33
C HIS B 174 -28.25 -12.77 62.54
N SER B 175 -27.65 -13.19 63.65
CA SER B 175 -28.39 -13.52 64.87
C SER B 175 -28.62 -12.35 65.82
N ASP B 176 -28.04 -11.19 65.50
CA ASP B 176 -28.15 -10.01 66.37
C ASP B 176 -29.54 -9.33 66.38
N TYR B 177 -30.45 -9.79 65.51
CA TYR B 177 -31.79 -9.21 65.43
C TYR B 177 -32.78 -10.17 64.79
N THR B 178 -34.05 -9.94 65.05
CA THR B 178 -35.11 -10.57 64.25
C THR B 178 -35.90 -9.46 63.55
N MET B 179 -36.71 -9.86 62.58
CA MET B 179 -37.50 -8.93 61.79
C MET B 179 -38.98 -9.26 61.84
N THR B 180 -39.80 -8.22 61.97
CA THR B 180 -41.25 -8.37 61.91
C THR B 180 -41.81 -7.53 60.76
N LEU B 181 -42.60 -8.16 59.91
CA LEU B 181 -43.21 -7.43 58.80
C LEU B 181 -44.44 -6.67 59.27
N LEU B 182 -44.34 -5.33 59.27
CA LEU B 182 -45.42 -4.47 59.74
C LEU B 182 -46.45 -4.17 58.66
N ASP B 183 -45.97 -3.77 57.49
CA ASP B 183 -46.83 -3.48 56.36
C ASP B 183 -46.11 -3.82 55.07
N LEU B 184 -46.91 -4.02 54.03
CA LEU B 184 -46.39 -4.47 52.76
C LEU B 184 -47.09 -3.69 51.67
N PHE B 185 -46.31 -3.10 50.78
CA PHE B 185 -46.86 -2.31 49.69
C PHE B 185 -46.44 -2.91 48.36
N GLU B 186 -47.40 -2.97 47.44
CA GLU B 186 -47.11 -3.20 46.04
C GLU B 186 -46.53 -1.89 45.46
N VAL B 187 -45.45 -2.04 44.68
CA VAL B 187 -44.76 -0.89 44.08
C VAL B 187 -44.97 -0.94 42.58
N GLU B 188 -45.40 0.18 41.99
CA GLU B 188 -45.46 0.30 40.53
C GLU B 188 -44.87 1.65 40.10
N LYS B 189 -43.60 1.61 39.75
CA LYS B 189 -42.89 2.82 39.35
C LYS B 189 -43.21 3.16 37.90
N ASP B 190 -43.58 4.42 37.65
CA ASP B 190 -43.86 4.89 36.28
C ASP B 190 -42.74 4.51 35.32
N GLY B 191 -43.10 3.90 34.19
CA GLY B 191 -42.12 3.58 33.15
C GLY B 191 -41.35 2.28 33.31
N GLU B 192 -41.30 1.75 34.53
CA GLU B 192 -40.54 0.52 34.75
C GLU B 192 -41.04 -0.68 33.98
N LYS B 193 -42.36 -0.83 33.86
CA LYS B 193 -42.93 -1.96 33.13
C LYS B 193 -42.55 -1.91 31.65
N GLU B 194 -42.70 -0.74 31.05
CA GLU B 194 -42.44 -0.53 29.62
C GLU B 194 -40.96 -0.71 29.28
N ALA B 195 -40.09 -0.38 30.24
CA ALA B 195 -38.66 -0.49 30.03
C ALA B 195 -38.08 -1.88 30.32
N PHE B 196 -38.80 -2.67 31.13
CA PHE B 196 -38.30 -3.93 31.66
C PHE B 196 -37.99 -4.98 30.60
N ARG B 197 -36.86 -5.67 30.74
CA ARG B 197 -36.49 -6.76 29.84
C ARG B 197 -37.32 -8.02 30.17
N GLU B 198 -38.59 -7.99 29.76
CA GLU B 198 -39.52 -9.11 29.97
C GLU B 198 -39.04 -10.39 29.27
N ASP B 199 -38.20 -10.21 28.24
CA ASP B 199 -37.67 -11.32 27.42
C ASP B 199 -36.69 -12.26 28.13
N LEU B 200 -35.95 -11.75 29.11
CA LEU B 200 -34.96 -12.58 29.80
C LEU B 200 -35.59 -13.62 30.70
N HIS B 201 -35.03 -14.82 30.64
CA HIS B 201 -35.38 -15.85 31.58
C HIS B 201 -34.69 -15.56 32.88
N ASN B 202 -34.83 -16.50 33.82
CA ASN B 202 -34.24 -16.39 35.13
C ASN B 202 -34.69 -15.12 35.87
N ARG B 203 -36.00 -14.89 35.84
CA ARG B 203 -36.58 -13.74 36.55
C ARG B 203 -36.84 -14.12 38.01
N MET B 204 -36.11 -13.46 38.92
CA MET B 204 -36.19 -13.82 40.31
C MET B 204 -36.64 -12.64 41.16
N LEU B 205 -37.37 -12.94 42.24
CA LEU B 205 -37.77 -11.91 43.19
C LEU B 205 -36.67 -11.80 44.25
N LEU B 206 -35.94 -10.67 44.29
CA LEU B 206 -34.75 -10.55 45.11
C LEU B 206 -34.78 -9.30 45.96
N TRP B 207 -34.04 -9.37 47.05
CA TRP B 207 -33.96 -8.31 48.07
C TRP B 207 -33.00 -7.22 47.76
N HIS B 208 -33.36 -6.02 48.21
CA HIS B 208 -32.42 -4.87 48.23
C HIS B 208 -32.70 -4.04 49.43
N GLY B 209 -31.67 -3.85 50.28
CA GLY B 209 -31.80 -2.99 51.45
C GLY B 209 -31.09 -1.67 51.22
N SER B 210 -31.58 -0.64 51.90
CA SER B 210 -30.97 0.69 51.82
C SER B 210 -31.35 1.50 53.06
N ARG B 211 -30.55 2.52 53.35
CA ARG B 211 -30.83 3.39 54.50
C ARG B 211 -32.13 4.16 54.29
N MET B 212 -32.74 4.54 55.41
CA MET B 212 -34.03 5.22 55.35
C MET B 212 -33.99 6.50 54.56
N SER B 213 -32.82 7.14 54.53
CA SER B 213 -32.65 8.39 53.81
C SER B 213 -32.75 8.24 52.31
N ASN B 214 -32.67 7.00 51.82
CA ASN B 214 -32.49 6.78 50.37
C ASN B 214 -33.77 6.49 49.60
N TRP B 215 -34.86 6.28 50.32
CA TRP B 215 -36.08 5.76 49.68
C TRP B 215 -36.76 6.71 48.74
N VAL B 216 -36.78 7.99 49.07
CA VAL B 216 -37.36 8.95 48.14
C VAL B 216 -36.61 8.87 46.81
N GLY B 217 -35.28 8.86 46.87
CA GLY B 217 -34.45 8.75 45.67
C GLY B 217 -34.69 7.44 44.92
N ILE B 218 -34.76 6.33 45.64
CA ILE B 218 -34.97 5.02 45.02
C ILE B 218 -36.34 4.90 44.38
N LEU B 219 -37.37 5.34 45.09
CA LEU B 219 -38.71 5.21 44.52
C LEU B 219 -38.95 6.17 43.36
N SER B 220 -38.32 7.35 43.40
CA SER B 220 -38.54 8.33 42.35
C SER B 220 -37.65 8.12 41.13
N HIS B 221 -36.45 7.60 41.35
CA HIS B 221 -35.44 7.48 40.28
C HIS B 221 -35.05 6.07 39.92
N GLY B 222 -35.59 5.12 40.66
CA GLY B 222 -35.24 3.71 40.51
C GLY B 222 -33.90 3.42 41.17
N LEU B 223 -33.53 2.15 41.21
CA LEU B 223 -32.18 1.78 41.61
C LEU B 223 -31.21 2.16 40.50
N ARG B 224 -30.08 2.70 40.91
CA ARG B 224 -29.12 3.27 39.95
C ARG B 224 -27.75 2.69 40.12
N ILE B 225 -26.98 2.69 39.03
CA ILE B 225 -25.58 2.29 39.12
C ILE B 225 -24.70 3.44 39.58
N ALA B 226 -23.52 3.10 40.11
CA ALA B 226 -22.53 4.09 40.55
C ALA B 226 -22.05 4.95 39.39
N PRO B 227 -21.67 6.21 39.66
CA PRO B 227 -21.20 7.07 38.58
C PRO B 227 -19.78 6.75 38.15
N PRO B 228 -19.36 7.25 36.96
CA PRO B 228 -18.01 7.03 36.46
C PRO B 228 -16.91 7.53 37.39
N GLU B 229 -17.14 8.65 38.10
CA GLU B 229 -16.15 9.20 39.03
C GLU B 229 -15.83 8.33 40.27
N ALA B 230 -16.69 7.35 40.58
CA ALA B 230 -16.50 6.51 41.78
C ALA B 230 -15.36 5.52 41.59
N PRO B 231 -14.61 5.20 42.68
CA PRO B 231 -13.47 4.28 42.52
C PRO B 231 -13.95 2.86 42.21
N ILE B 232 -13.44 2.25 41.14
CA ILE B 232 -13.99 0.95 40.73
C ILE B 232 -13.82 -0.13 41.81
N THR B 233 -12.75 -0.08 42.60
CA THR B 233 -12.59 -1.15 43.60
C THR B 233 -13.47 -0.99 44.83
N GLY B 234 -14.35 0.01 44.81
CA GLY B 234 -15.36 0.14 45.83
C GLY B 234 -16.53 -0.80 45.64
N TYR B 235 -16.57 -1.49 44.49
CA TYR B 235 -17.70 -2.29 44.05
C TYR B 235 -17.16 -3.68 43.70
N MET B 236 -17.45 -4.65 44.57
CA MET B 236 -16.76 -5.96 44.51
C MET B 236 -17.03 -6.75 43.25
N PHE B 237 -18.15 -6.45 42.59
CA PHE B 237 -18.50 -7.04 41.32
C PHE B 237 -18.85 -5.99 40.28
N GLY B 238 -18.30 -4.79 40.47
CA GLY B 238 -18.45 -3.73 39.48
C GLY B 238 -19.66 -2.85 39.73
N LYS B 239 -19.86 -1.91 38.82
CA LYS B 239 -20.82 -0.84 39.03
C LYS B 239 -22.19 -1.26 38.50
N GLY B 240 -22.85 -2.11 39.28
CA GLY B 240 -24.17 -2.55 38.94
C GLY B 240 -25.13 -2.32 40.10
N ILE B 241 -26.27 -2.98 40.03
CA ILE B 241 -27.29 -2.89 41.09
C ILE B 241 -27.27 -4.25 41.79
N TYR B 242 -27.11 -4.24 43.12
CA TYR B 242 -26.82 -5.44 43.93
C TYR B 242 -28.05 -5.96 44.63
N PHE B 243 -28.26 -7.27 44.54
CA PHE B 243 -29.38 -7.92 45.22
C PHE B 243 -28.94 -9.18 45.96
N ALA B 244 -29.75 -9.62 46.93
CA ALA B 244 -29.50 -10.87 47.67
C ALA B 244 -30.73 -11.76 47.55
N ASP B 245 -30.53 -13.05 47.78
CA ASP B 245 -31.66 -13.97 48.01
C ASP B 245 -31.87 -14.29 49.48
N MET B 246 -31.04 -13.70 50.35
CA MET B 246 -31.22 -13.83 51.78
C MET B 246 -31.65 -12.48 52.33
N SER B 247 -32.81 -12.47 52.98
CA SER B 247 -33.41 -11.24 53.47
C SER B 247 -32.46 -10.45 54.38
N SER B 248 -31.76 -11.16 55.27
CA SER B 248 -30.95 -10.48 56.29
C SER B 248 -29.68 -9.92 55.68
N LYS B 249 -29.20 -10.53 54.59
CA LYS B 249 -28.02 -9.99 53.89
C LYS B 249 -28.33 -8.58 53.38
N SER B 250 -29.52 -8.42 52.80
CA SER B 250 -29.97 -7.10 52.37
C SER B 250 -30.36 -6.23 53.54
N ALA B 251 -30.98 -6.82 54.57
CA ALA B 251 -31.50 -6.04 55.69
C ALA B 251 -30.37 -5.37 56.45
N ASN B 252 -29.18 -5.98 56.42
CA ASN B 252 -28.02 -5.39 57.06
C ASN B 252 -27.70 -4.01 56.47
N TYR B 253 -27.99 -3.83 55.18
CA TYR B 253 -27.79 -2.53 54.50
C TYR B 253 -28.88 -1.49 54.78
N CYS B 254 -29.86 -1.84 55.63
CA CYS B 254 -30.82 -0.85 56.09
C CYS B 254 -30.18 0.02 57.15
N PHE B 255 -29.17 -0.52 57.82
CA PHE B 255 -28.56 0.13 59.01
C PHE B 255 -29.56 0.63 60.04
N ALA B 256 -30.55 -0.21 60.33
CA ALA B 256 -31.47 0.01 61.43
C ALA B 256 -30.72 -0.11 62.77
N SER B 257 -31.31 0.44 63.81
CA SER B 257 -30.68 0.41 65.13
C SER B 257 -31.73 0.37 66.24
N ARG B 258 -31.27 0.20 67.47
CA ARG B 258 -32.16 0.26 68.62
C ARG B 258 -33.02 1.53 68.64
N LEU B 259 -32.41 2.69 68.44
CA LEU B 259 -33.19 3.94 68.49
C LEU B 259 -34.06 4.14 67.25
N LYS B 260 -33.62 3.62 66.11
CA LYS B 260 -34.33 3.78 64.85
C LYS B 260 -34.59 2.41 64.25
N ASN B 261 -35.54 1.66 64.82
CA ASN B 261 -35.68 0.24 64.50
C ASN B 261 -36.67 -0.13 63.40
N THR B 262 -37.21 0.86 62.73
CA THR B 262 -38.01 0.60 61.52
C THR B 262 -37.18 0.86 60.28
N GLY B 263 -37.17 -0.12 59.38
CA GLY B 263 -36.44 0.00 58.12
C GLY B 263 -37.34 -0.51 57.02
N LEU B 264 -36.94 -0.29 55.77
CA LEU B 264 -37.69 -0.79 54.62
C LEU B 264 -36.80 -1.72 53.82
N LEU B 265 -37.42 -2.73 53.23
CA LEU B 265 -36.73 -3.66 52.36
C LEU B 265 -37.50 -3.66 51.06
N LEU B 266 -36.76 -3.69 49.95
CA LEU B 266 -37.39 -3.67 48.63
C LEU B 266 -37.28 -5.07 48.01
N LEU B 267 -38.38 -5.58 47.46
CA LEU B 267 -38.33 -6.79 46.60
C LEU B 267 -38.56 -6.37 45.17
N SER B 268 -37.74 -6.88 44.27
CA SER B 268 -37.83 -6.50 42.85
C SER B 268 -37.77 -7.79 42.03
N GLU B 269 -38.47 -7.76 40.90
CA GLU B 269 -38.28 -8.74 39.84
C GLU B 269 -37.00 -8.33 39.10
N VAL B 270 -36.02 -9.23 39.13
CA VAL B 270 -34.72 -9.03 38.51
C VAL B 270 -34.59 -10.03 37.35
N ALA B 271 -34.45 -9.49 36.15
CA ALA B 271 -34.26 -10.30 34.97
C ALA B 271 -32.79 -10.66 34.84
N LEU B 272 -32.41 -11.79 35.41
CA LEU B 272 -31.01 -12.21 35.46
C LEU B 272 -30.46 -12.77 34.15
N GLY B 273 -31.34 -13.34 33.34
CA GLY B 273 -30.91 -14.09 32.16
C GLY B 273 -29.82 -15.12 32.48
N GLN B 274 -28.79 -15.18 31.64
CA GLN B 274 -27.67 -16.04 31.91
C GLN B 274 -26.71 -15.38 32.90
N CYS B 275 -26.55 -15.97 34.09
CA CYS B 275 -25.61 -15.47 35.08
C CYS B 275 -24.19 -15.91 34.79
N ASN B 276 -23.26 -14.98 34.97
CA ASN B 276 -21.85 -15.34 35.06
C ASN B 276 -21.52 -15.61 36.51
N GLU B 277 -21.26 -16.88 36.84
CA GLU B 277 -21.05 -17.31 38.22
C GLU B 277 -19.61 -17.14 38.61
N LEU B 278 -19.39 -16.31 39.63
CA LEU B 278 -18.05 -16.03 40.12
C LEU B 278 -17.87 -16.46 41.57
N LEU B 279 -16.75 -17.13 41.83
CA LEU B 279 -16.44 -17.53 43.18
C LEU B 279 -15.81 -16.34 43.90
N GLU B 280 -14.94 -15.63 43.20
CA GLU B 280 -14.17 -14.55 43.82
C GLU B 280 -14.60 -13.18 43.35
N ALA B 281 -14.40 -12.18 44.20
CA ALA B 281 -14.70 -10.80 43.86
C ALA B 281 -13.89 -10.38 42.64
N ASN B 282 -14.48 -9.54 41.81
CA ASN B 282 -13.78 -8.95 40.69
C ASN B 282 -14.44 -7.64 40.27
N PRO B 283 -13.84 -6.52 40.69
CA PRO B 283 -14.50 -5.24 40.37
C PRO B 283 -14.64 -4.98 38.87
N LYS B 284 -13.92 -5.75 38.04
CA LYS B 284 -14.06 -5.64 36.59
C LYS B 284 -15.03 -6.68 36.01
N ALA B 285 -15.88 -7.26 36.85
CA ALA B 285 -16.78 -8.32 36.39
C ALA B 285 -17.69 -7.93 35.23
N GLU B 286 -18.05 -6.65 35.11
CA GLU B 286 -18.95 -6.28 34.03
C GLU B 286 -18.31 -6.61 32.67
N GLY B 287 -17.01 -6.40 32.56
CA GLY B 287 -16.28 -6.68 31.32
C GLY B 287 -16.15 -8.16 30.99
N LEU B 288 -16.48 -9.03 31.95
CA LEU B 288 -16.39 -10.47 31.73
C LEU B 288 -17.68 -11.10 31.23
N LEU B 289 -18.76 -10.32 31.14
CA LEU B 289 -20.05 -10.90 30.82
C LEU B 289 -20.03 -11.64 29.49
N GLN B 290 -19.40 -11.03 28.49
CA GLN B 290 -19.31 -11.59 27.13
C GLN B 290 -20.66 -12.12 26.64
N GLY B 291 -21.70 -11.31 26.76
CA GLY B 291 -23.05 -11.73 26.37
C GLY B 291 -23.96 -12.28 27.46
N LYS B 292 -23.40 -12.71 28.59
CA LYS B 292 -24.22 -13.05 29.76
C LYS B 292 -24.86 -11.76 30.30
N HIS B 293 -25.92 -11.92 31.11
CA HIS B 293 -26.77 -10.79 31.47
C HIS B 293 -26.62 -10.29 32.87
N SER B 294 -25.94 -11.06 33.72
CA SER B 294 -25.78 -10.71 35.12
C SER B 294 -24.56 -11.39 35.73
N THR B 295 -24.13 -10.92 36.89
CA THR B 295 -23.11 -11.61 37.68
C THR B 295 -23.77 -12.24 38.90
N LYS B 296 -23.42 -13.49 39.15
CA LYS B 296 -23.82 -14.13 40.41
C LYS B 296 -22.56 -14.41 41.23
N GLY B 297 -22.44 -13.74 42.39
CA GLY B 297 -21.41 -14.09 43.35
C GLY B 297 -21.85 -15.32 44.13
N LEU B 298 -21.07 -16.40 44.08
CA LEU B 298 -21.51 -17.68 44.65
C LEU B 298 -21.28 -17.82 46.15
N GLY B 299 -22.37 -17.96 46.90
CA GLY B 299 -22.32 -18.07 48.35
C GLY B 299 -22.15 -19.49 48.83
N LYS B 300 -21.60 -19.63 50.03
CA LYS B 300 -21.46 -20.91 50.74
C LYS B 300 -22.83 -21.50 51.08
N MET B 301 -23.78 -20.62 51.40
CA MET B 301 -25.13 -21.00 51.84
C MET B 301 -26.18 -20.35 50.94
N ALA B 302 -27.21 -21.09 50.55
CA ALA B 302 -28.22 -20.56 49.68
C ALA B 302 -29.53 -21.33 49.77
N PRO B 303 -30.67 -20.66 49.48
CA PRO B 303 -31.92 -21.41 49.27
C PRO B 303 -31.78 -22.47 48.18
N SER B 304 -32.52 -23.57 48.27
CA SER B 304 -32.48 -24.60 47.22
C SER B 304 -33.81 -24.73 46.46
N SER B 305 -33.73 -25.12 45.18
CA SER B 305 -34.86 -25.11 44.22
C SER B 305 -36.15 -25.80 44.67
N ALA B 306 -36.01 -26.91 45.40
CA ALA B 306 -37.14 -27.67 45.95
C ALA B 306 -38.17 -26.79 46.65
N HIS B 307 -37.70 -25.72 47.30
CA HIS B 307 -38.56 -24.89 48.11
C HIS B 307 -39.09 -23.66 47.41
N PHE B 308 -38.70 -23.44 46.15
CA PHE B 308 -39.10 -22.23 45.42
C PHE B 308 -40.58 -22.25 45.03
N VAL B 309 -41.16 -21.06 44.90
CA VAL B 309 -42.53 -20.89 44.42
C VAL B 309 -42.54 -19.77 43.40
N THR B 310 -43.63 -19.64 42.64
CA THR B 310 -43.74 -18.55 41.66
C THR B 310 -44.71 -17.52 42.22
N LEU B 311 -44.40 -16.25 42.00
CA LEU B 311 -45.30 -15.20 42.42
C LEU B 311 -45.39 -14.20 41.28
N ASN B 312 -46.57 -14.15 40.66
CA ASN B 312 -46.83 -13.23 39.54
C ASN B 312 -45.74 -13.25 38.45
N GLY B 313 -45.21 -14.44 38.15
CA GLY B 313 -44.24 -14.62 37.07
C GLY B 313 -42.76 -14.57 37.44
N SER B 314 -42.45 -14.39 38.72
CA SER B 314 -41.06 -14.40 39.17
C SER B 314 -40.86 -15.53 40.17
N THR B 315 -39.66 -16.09 40.15
CA THR B 315 -39.31 -17.14 41.11
C THR B 315 -38.94 -16.55 42.46
N VAL B 316 -39.59 -17.05 43.52
CA VAL B 316 -39.28 -16.65 44.90
C VAL B 316 -38.41 -17.71 45.56
N PRO B 317 -37.14 -17.39 45.87
CA PRO B 317 -36.23 -18.42 46.39
C PRO B 317 -36.37 -18.62 47.89
N LEU B 318 -37.47 -19.26 48.29
CA LEU B 318 -37.72 -19.48 49.70
C LEU B 318 -36.66 -20.32 50.35
N GLY B 319 -36.44 -20.03 51.64
CA GLY B 319 -35.51 -20.76 52.48
C GLY B 319 -36.08 -22.07 52.98
N PRO B 320 -35.37 -22.75 53.89
CA PRO B 320 -34.12 -22.30 54.52
C PRO B 320 -32.90 -22.46 53.60
N ALA B 321 -31.82 -21.76 53.91
CA ALA B 321 -30.59 -21.91 53.15
C ALA B 321 -29.85 -23.17 53.61
N SER B 322 -29.09 -23.77 52.71
CA SER B 322 -28.22 -24.88 53.07
C SER B 322 -26.89 -24.75 52.32
N ASP B 323 -25.91 -25.54 52.72
CA ASP B 323 -24.59 -25.47 52.13
C ASP B 323 -24.62 -25.85 50.65
N THR B 324 -23.99 -25.02 49.82
CA THR B 324 -24.00 -25.18 48.38
C THR B 324 -22.82 -26.01 47.88
N GLY B 325 -21.91 -26.35 48.79
CA GLY B 325 -20.67 -27.04 48.40
C GLY B 325 -19.58 -26.08 47.94
N ILE B 326 -19.95 -24.83 47.72
CA ILE B 326 -18.98 -23.83 47.27
C ILE B 326 -18.00 -23.50 48.41
N LEU B 327 -16.71 -23.61 48.09
CA LEU B 327 -15.65 -23.34 49.04
C LEU B 327 -14.40 -22.95 48.28
N ASN B 328 -13.79 -21.83 48.67
CA ASN B 328 -12.58 -21.34 48.01
C ASN B 328 -11.32 -22.01 48.57
N PRO B 329 -10.54 -22.67 47.69
CA PRO B 329 -9.21 -23.15 48.11
C PRO B 329 -8.22 -21.99 48.36
N ASP B 330 -7.98 -21.69 49.62
CA ASP B 330 -7.13 -20.56 50.05
C ASP B 330 -7.56 -19.22 49.42
N GLY B 331 -8.53 -18.58 50.06
CA GLY B 331 -9.02 -17.28 49.62
C GLY B 331 -10.34 -16.99 50.28
N TYR B 332 -11.02 -15.94 49.84
CA TYR B 332 -12.29 -15.55 50.43
C TYR B 332 -13.46 -16.29 49.79
N THR B 333 -14.47 -16.58 50.59
CA THR B 333 -15.74 -17.17 50.11
C THR B 333 -16.91 -16.31 50.58
N LEU B 334 -17.79 -15.97 49.66
CA LEU B 334 -19.04 -15.29 50.05
C LEU B 334 -19.86 -16.18 50.98
N ASN B 335 -20.36 -15.62 52.09
CA ASN B 335 -21.26 -16.38 52.97
C ASN B 335 -22.55 -16.73 52.25
N TYR B 336 -23.09 -15.77 51.50
CA TYR B 336 -24.38 -15.92 50.79
C TYR B 336 -24.25 -15.36 49.38
N ASN B 337 -25.13 -15.78 48.48
CA ASN B 337 -25.12 -15.28 47.11
C ASN B 337 -25.30 -13.76 47.01
N GLU B 338 -24.83 -13.20 45.91
CA GLU B 338 -25.32 -11.87 45.55
C GLU B 338 -25.45 -11.80 44.05
N TYR B 339 -26.40 -11.01 43.57
CA TYR B 339 -26.72 -10.93 42.16
C TYR B 339 -26.53 -9.51 41.74
N ILE B 340 -25.93 -9.32 40.58
CA ILE B 340 -25.67 -7.96 40.11
C ILE B 340 -26.12 -7.86 38.65
N VAL B 341 -26.94 -6.86 38.35
CA VAL B 341 -27.29 -6.48 36.98
C VAL B 341 -26.71 -5.09 36.68
N TYR B 342 -26.42 -4.80 35.42
CA TYR B 342 -25.68 -3.58 35.09
C TYR B 342 -26.49 -2.58 34.30
N ASN B 343 -27.78 -2.85 34.19
CA ASN B 343 -28.74 -1.97 33.53
C ASN B 343 -30.01 -1.94 34.36
N PRO B 344 -30.51 -0.73 34.71
CA PRO B 344 -31.78 -0.68 35.44
C PRO B 344 -32.96 -1.32 34.69
N ASN B 345 -32.84 -1.54 33.39
CA ASN B 345 -33.97 -2.14 32.69
C ASN B 345 -34.14 -3.64 32.96
N GLN B 346 -33.24 -4.20 33.77
CA GLN B 346 -33.39 -5.56 34.26
C GLN B 346 -34.02 -5.63 35.66
N VAL B 347 -34.57 -4.50 36.12
CA VAL B 347 -35.21 -4.46 37.45
C VAL B 347 -36.62 -3.88 37.31
N ARG B 348 -37.58 -4.52 37.96
CA ARG B 348 -38.90 -3.94 38.14
C ARG B 348 -39.23 -4.02 39.61
N MET B 349 -39.25 -2.86 40.28
CA MET B 349 -39.53 -2.87 41.71
C MET B 349 -40.95 -3.37 41.92
N ARG B 350 -41.17 -4.17 42.95
CA ARG B 350 -42.45 -4.88 43.06
C ARG B 350 -43.08 -4.77 44.44
N TYR B 351 -42.28 -4.91 45.49
CA TYR B 351 -42.84 -4.77 46.84
C TYR B 351 -41.94 -3.96 47.74
N LEU B 352 -42.54 -3.25 48.67
CA LEU B 352 -41.78 -2.55 49.71
C LEU B 352 -42.28 -3.02 51.06
N LEU B 353 -41.37 -3.55 51.87
CA LEU B 353 -41.71 -4.07 53.19
C LEU B 353 -41.37 -3.03 54.23
N LYS B 354 -42.30 -2.77 55.15
CA LYS B 354 -42.00 -1.96 56.34
C LYS B 354 -41.71 -2.92 57.48
N VAL B 355 -40.46 -2.91 57.93
CA VAL B 355 -39.93 -3.96 58.79
C VAL B 355 -39.54 -3.38 60.15
N GLN B 356 -39.98 -4.04 61.20
CA GLN B 356 -39.52 -3.71 62.55
C GLN B 356 -38.38 -4.64 62.93
N PHE B 357 -37.23 -4.05 63.27
CA PHE B 357 -36.05 -4.83 63.67
C PHE B 357 -36.08 -4.96 65.18
N ASN B 358 -35.96 -6.19 65.67
CA ASN B 358 -35.95 -6.44 67.10
C ASN B 358 -34.54 -6.88 67.47
N PHE B 359 -33.82 -6.00 68.16
CA PHE B 359 -32.42 -6.26 68.41
C PHE B 359 -32.23 -7.08 69.68
N LEU B 360 -31.32 -8.04 69.62
CA LEU B 360 -31.03 -8.91 70.74
C LEU B 360 -29.69 -8.52 71.32
N GLN B 361 -29.57 -8.55 72.63
CA GLN B 361 -28.32 -8.22 73.30
C GLN B 361 -27.68 -9.52 73.78
N LEU B 362 -26.75 -10.05 72.99
CA LEU B 362 -26.18 -11.37 73.25
C LEU B 362 -24.67 -11.33 73.44
N TRP B 363 -24.19 -12.18 74.34
CA TRP B 363 -22.76 -12.27 74.62
C TRP B 363 -22.35 -13.67 74.96
#